data_9U4E
#
_entry.id   9U4E
#
_cell.length_a   1.00
_cell.length_b   1.00
_cell.length_c   1.00
_cell.angle_alpha   90.00
_cell.angle_beta   90.00
_cell.angle_gamma   90.00
#
_symmetry.space_group_name_H-M   'P 1'
#
loop_
_entity.id
_entity.type
_entity.pdbx_description
1 polymer 'C-reactive protein'
2 branched 'alpha-L-rhamnopyranose-(1-2)-1,3-bis(oxidanyl)propan-2-yl [(2~{R},3~{S},4~{S},5~{R})-2-(hydroxymethyl)-3,5,6-tris(oxidanyl)oxan-4-yl] hydrogen phosphate-(1-4)-beta-L-rhamnopyranose-(1-4)-beta-D-glucopyranose'
3 non-polymer 'CALCIUM ION'
#
_entity_poly.entity_id   1
_entity_poly.type   'polypeptide(L)'
_entity_poly.pdbx_seq_one_letter_code
;MEKLLCFLVLTSLSHAFGQTDMSRKAFVFPKESDTSYVSLKAPLTKPLKAFTVCLHFYTELSSTRGYSIFSYATKRQDNE
ILIFWSKDIGYSFTVGGSEILFEVPEVTVAPVHICTSWESASGIVEFWVDGKPRVRKSLKKGYTVGAEASIILGQEQDSF
GGNFEGSQSLVGDIGNVNMWDFVLSPDEINTIYLGGPFSPNVLNWRALKYEVQGEVFTKPQLWP
;
_entity_poly.pdbx_strand_id   A,B,C,D,E
#
# COMPACT_ATOMS: atom_id res chain seq x y z
N GLN A 19 15.57 -41.44 12.97
CA GLN A 19 16.18 -40.27 13.65
C GLN A 19 16.83 -39.35 12.63
N THR A 20 16.26 -39.31 11.43
CA THR A 20 16.79 -38.50 10.34
C THR A 20 16.26 -37.08 10.51
N ASP A 21 17.07 -36.22 11.13
CA ASP A 21 16.67 -34.84 11.35
C ASP A 21 16.63 -34.10 10.04
N MET A 22 15.46 -33.56 9.69
CA MET A 22 15.26 -32.90 8.41
C MET A 22 15.06 -31.40 8.56
N SER A 23 15.57 -30.82 9.64
CA SER A 23 15.44 -29.38 9.82
C SER A 23 16.20 -28.64 8.74
N ARG A 24 15.63 -27.53 8.27
CA ARG A 24 16.25 -26.71 7.24
C ARG A 24 16.45 -27.48 5.94
N LYS A 25 15.54 -28.40 5.64
CA LYS A 25 15.60 -29.17 4.39
C LYS A 25 14.18 -29.41 3.89
N ALA A 26 14.07 -29.71 2.60
CA ALA A 26 12.77 -29.86 1.97
C ALA A 26 12.88 -30.81 0.79
N PHE A 27 11.74 -31.42 0.45
CA PHE A 27 11.64 -32.29 -0.71
C PHE A 27 11.27 -31.47 -1.94
N VAL A 28 11.91 -31.80 -3.05
CA VAL A 28 11.74 -31.10 -4.32
C VAL A 28 11.31 -32.11 -5.37
N PHE A 29 10.19 -31.81 -6.05
CA PHE A 29 9.70 -32.54 -7.21
C PHE A 29 9.78 -31.62 -8.42
N PRO A 30 10.79 -31.74 -9.27
CA PRO A 30 10.96 -30.77 -10.36
C PRO A 30 10.31 -31.13 -11.69
N LYS A 31 9.54 -32.22 -11.75
CA LYS A 31 8.92 -32.65 -12.99
C LYS A 31 7.53 -33.18 -12.70
N GLU A 32 6.68 -33.17 -13.72
CA GLU A 32 5.33 -33.72 -13.62
C GLU A 32 5.37 -35.19 -14.00
N SER A 33 5.07 -36.06 -13.03
CA SER A 33 5.15 -37.49 -13.27
C SER A 33 4.21 -38.20 -12.31
N ASP A 34 3.93 -39.46 -12.62
CA ASP A 34 3.10 -40.31 -11.78
C ASP A 34 3.89 -41.41 -11.09
N THR A 35 5.20 -41.22 -10.92
CA THR A 35 6.06 -42.22 -10.28
C THR A 35 6.92 -41.67 -9.16
N SER A 36 6.84 -40.39 -8.83
CA SER A 36 7.65 -39.78 -7.79
C SER A 36 6.79 -39.43 -6.58
N TYR A 37 7.21 -39.90 -5.40
CA TYR A 37 6.45 -39.64 -4.19
C TYR A 37 7.32 -39.96 -2.98
N VAL A 38 6.86 -39.50 -1.81
CA VAL A 38 7.48 -39.83 -0.54
C VAL A 38 6.41 -40.38 0.39
N SER A 39 6.72 -41.49 1.05
CA SER A 39 5.80 -42.17 1.96
C SER A 39 6.34 -42.06 3.37
N LEU A 40 5.54 -41.50 4.27
CA LEU A 40 5.91 -41.30 5.65
C LEU A 40 5.20 -42.33 6.53
N LYS A 41 5.79 -42.62 7.69
CA LYS A 41 5.30 -43.67 8.57
C LYS A 41 5.08 -43.11 9.97
N ALA A 42 4.03 -43.58 10.62
CA ALA A 42 3.67 -43.20 11.97
C ALA A 42 3.57 -44.43 12.84
N PRO A 43 3.91 -44.32 14.13
CA PRO A 43 4.01 -45.53 14.96
C PRO A 43 2.74 -45.92 15.68
N LEU A 44 1.82 -44.98 15.87
CA LEU A 44 0.69 -45.23 16.74
C LEU A 44 -0.28 -46.24 16.13
N THR A 45 -1.14 -46.79 16.98
CA THR A 45 -2.19 -47.70 16.56
C THR A 45 -3.56 -47.35 17.11
N LYS A 46 -3.63 -46.52 18.15
CA LYS A 46 -4.93 -46.13 18.69
C LYS A 46 -5.68 -45.28 17.68
N PRO A 47 -6.97 -45.53 17.43
CA PRO A 47 -7.71 -44.71 16.48
C PRO A 47 -7.64 -43.23 16.81
N LEU A 48 -7.91 -42.38 15.83
CA LEU A 48 -7.80 -40.93 15.96
C LEU A 48 -9.17 -40.31 16.07
N LYS A 49 -9.38 -39.52 17.13
CA LYS A 49 -10.61 -38.76 17.30
C LYS A 49 -10.42 -37.27 17.09
N ALA A 50 -9.18 -36.78 17.06
CA ALA A 50 -8.88 -35.40 16.73
C ALA A 50 -7.46 -35.34 16.21
N PHE A 51 -7.21 -34.42 15.28
CA PHE A 51 -5.89 -34.35 14.68
C PHE A 51 -5.59 -32.94 14.20
N THR A 52 -4.29 -32.68 14.02
CA THR A 52 -3.79 -31.41 13.51
C THR A 52 -2.60 -31.67 12.60
N VAL A 53 -2.57 -30.96 11.46
CA VAL A 53 -1.54 -31.14 10.45
C VAL A 53 -1.03 -29.76 10.03
N CYS A 54 0.29 -29.60 10.00
CA CYS A 54 0.90 -28.33 9.58
C CYS A 54 2.02 -28.59 8.60
N LEU A 55 2.08 -27.77 7.55
CA LEU A 55 3.06 -27.99 6.49
C LEU A 55 3.33 -26.70 5.73
N HIS A 56 4.43 -26.72 4.98
CA HIS A 56 4.92 -25.59 4.20
C HIS A 56 5.12 -26.07 2.78
N PHE A 57 4.66 -25.30 1.79
CA PHE A 57 4.81 -25.73 0.41
C PHE A 57 4.91 -24.53 -0.51
N TYR A 58 5.44 -24.80 -1.71
CA TYR A 58 5.67 -23.75 -2.71
C TYR A 58 5.53 -24.38 -4.09
N THR A 59 4.61 -23.83 -4.90
CA THR A 59 4.33 -24.34 -6.23
C THR A 59 3.78 -23.22 -7.09
N GLU A 60 3.90 -23.39 -8.41
CA GLU A 60 3.47 -22.39 -9.39
C GLU A 60 2.35 -22.92 -10.28
N LEU A 61 1.60 -23.91 -9.82
CA LEU A 61 0.55 -24.55 -10.61
C LEU A 61 -0.83 -24.03 -10.26
N SER A 62 -0.93 -22.98 -9.47
CA SER A 62 -2.24 -22.53 -8.99
C SER A 62 -3.13 -22.09 -10.14
N SER A 63 -2.56 -21.41 -11.13
CA SER A 63 -3.31 -20.89 -12.26
C SER A 63 -3.40 -21.86 -13.43
N THR A 64 -2.89 -23.09 -13.27
CA THR A 64 -2.89 -24.06 -14.36
C THR A 64 -3.76 -25.27 -14.07
N ARG A 65 -3.77 -25.79 -12.84
CA ARG A 65 -4.56 -26.96 -12.52
C ARG A 65 -4.51 -27.17 -11.01
N GLY A 66 -5.19 -28.24 -10.55
CA GLY A 66 -5.20 -28.58 -9.15
C GLY A 66 -4.14 -29.61 -8.81
N TYR A 67 -3.86 -29.73 -7.51
CA TYR A 67 -2.81 -30.62 -7.04
C TYR A 67 -3.12 -31.01 -5.59
N SER A 68 -2.43 -32.05 -5.13
CA SER A 68 -2.57 -32.54 -3.77
C SER A 68 -1.40 -32.07 -2.92
N ILE A 69 -1.68 -31.84 -1.64
CA ILE A 69 -0.67 -31.32 -0.71
C ILE A 69 -0.42 -32.33 0.40
N PHE A 70 -1.43 -33.12 0.73
CA PHE A 70 -1.31 -34.09 1.81
C PHE A 70 -2.33 -35.19 1.58
N SER A 71 -1.85 -36.43 1.41
CA SER A 71 -2.74 -37.57 1.17
C SER A 71 -2.59 -38.59 2.29
N TYR A 72 -3.72 -39.07 2.79
CA TYR A 72 -3.78 -40.01 3.92
C TYR A 72 -4.84 -41.05 3.60
N ALA A 73 -4.41 -42.29 3.36
CA ALA A 73 -5.29 -43.33 2.85
C ALA A 73 -5.36 -44.51 3.80
N THR A 74 -6.54 -45.09 3.92
CA THR A 74 -6.77 -46.31 4.67
C THR A 74 -7.34 -47.37 3.74
N LYS A 75 -7.41 -48.61 4.23
CA LYS A 75 -7.92 -49.70 3.41
C LYS A 75 -9.33 -49.42 2.94
N ARG A 76 -10.21 -48.99 3.85
CA ARG A 76 -11.61 -48.78 3.49
C ARG A 76 -11.78 -47.59 2.56
N GLN A 77 -11.16 -46.45 2.91
CA GLN A 77 -11.35 -45.21 2.17
C GLN A 77 -10.00 -44.75 1.63
N ASP A 78 -9.98 -44.37 0.35
CA ASP A 78 -8.74 -43.85 -0.23
C ASP A 78 -8.47 -42.43 0.27
N ASN A 79 -9.52 -41.61 0.38
CA ASN A 79 -9.39 -40.22 0.77
C ASN A 79 -9.97 -40.09 2.18
N GLU A 80 -9.12 -40.35 3.17
CA GLU A 80 -9.52 -40.27 4.57
C GLU A 80 -9.24 -38.89 5.16
N ILE A 81 -8.03 -38.39 4.94
CA ILE A 81 -7.68 -37.02 5.32
C ILE A 81 -6.86 -36.43 4.18
N LEU A 82 -7.50 -35.67 3.31
CA LEU A 82 -6.83 -35.17 2.12
C LEU A 82 -6.98 -33.66 2.00
N ILE A 83 -5.88 -33.01 1.64
CA ILE A 83 -5.85 -31.57 1.38
C ILE A 83 -5.56 -31.36 -0.09
N PHE A 84 -6.35 -30.53 -0.74
CA PHE A 84 -6.33 -30.37 -2.19
C PHE A 84 -6.46 -28.91 -2.55
N TRP A 85 -6.03 -28.55 -3.75
CA TRP A 85 -6.27 -27.23 -4.32
C TRP A 85 -7.11 -27.39 -5.57
N SER A 86 -8.23 -26.67 -5.64
CA SER A 86 -9.14 -26.73 -6.77
C SER A 86 -9.02 -25.45 -7.57
N LYS A 87 -8.83 -25.61 -8.88
CA LYS A 87 -8.54 -24.48 -9.76
C LYS A 87 -9.69 -23.48 -9.73
N ASP A 88 -9.33 -22.20 -9.63
CA ASP A 88 -10.26 -21.09 -9.62
C ASP A 88 -11.19 -21.09 -8.41
N ILE A 89 -10.98 -22.00 -7.45
CA ILE A 89 -11.87 -22.12 -6.31
C ILE A 89 -11.09 -21.89 -5.03
N GLY A 90 -10.14 -22.77 -4.74
CA GLY A 90 -9.36 -22.62 -3.52
C GLY A 90 -9.06 -23.93 -2.82
N TYR A 91 -8.85 -23.87 -1.51
CA TYR A 91 -8.46 -25.06 -0.76
C TYR A 91 -9.67 -25.96 -0.54
N SER A 92 -9.41 -27.26 -0.53
CA SER A 92 -10.43 -28.28 -0.33
C SER A 92 -9.93 -29.25 0.73
N PHE A 93 -10.66 -29.33 1.84
CA PHE A 93 -10.31 -30.23 2.92
C PHE A 93 -11.35 -31.34 2.98
N THR A 94 -10.91 -32.59 2.89
CA THR A 94 -11.82 -33.72 2.85
C THR A 94 -11.46 -34.69 3.97
N VAL A 95 -12.46 -35.06 4.75
CA VAL A 95 -12.34 -36.05 5.82
C VAL A 95 -13.39 -37.12 5.60
N GLY A 96 -12.97 -38.38 5.64
CA GLY A 96 -13.88 -39.49 5.52
C GLY A 96 -14.72 -39.47 4.26
N GLY A 97 -14.25 -38.81 3.21
CA GLY A 97 -14.98 -38.73 1.97
C GLY A 97 -15.89 -37.53 1.83
N SER A 98 -16.03 -36.71 2.87
CA SER A 98 -16.85 -35.51 2.81
C SER A 98 -15.95 -34.29 2.72
N GLU A 99 -16.29 -33.35 1.84
CA GLU A 99 -15.40 -32.27 1.47
C GLU A 99 -16.00 -30.93 1.85
N ILE A 100 -15.12 -30.01 2.26
CA ILE A 100 -15.48 -28.60 2.49
C ILE A 100 -14.46 -27.73 1.79
N LEU A 101 -14.88 -26.49 1.52
CA LEU A 101 -14.16 -25.58 0.64
C LEU A 101 -13.79 -24.30 1.39
N PHE A 102 -12.57 -23.83 1.19
CA PHE A 102 -12.12 -22.54 1.68
C PHE A 102 -11.67 -21.73 0.48
N GLU A 103 -12.46 -20.74 0.10
CA GLU A 103 -12.25 -20.04 -1.15
C GLU A 103 -11.24 -18.92 -0.97
N VAL A 104 -10.33 -18.80 -1.94
CA VAL A 104 -9.39 -17.69 -2.01
C VAL A 104 -9.54 -17.06 -3.39
N PRO A 105 -9.92 -15.78 -3.50
CA PRO A 105 -10.07 -15.19 -4.84
C PRO A 105 -8.74 -14.76 -5.44
N GLU A 106 -7.84 -14.29 -4.59
CA GLU A 106 -6.55 -13.77 -5.04
C GLU A 106 -5.49 -14.84 -4.84
N VAL A 107 -4.68 -15.06 -5.87
CA VAL A 107 -3.60 -16.03 -5.84
C VAL A 107 -2.28 -15.27 -5.83
N THR A 108 -1.40 -15.62 -4.89
CA THR A 108 -0.10 -14.99 -4.74
C THR A 108 0.98 -16.03 -4.94
N VAL A 109 2.09 -15.62 -5.56
CA VAL A 109 3.23 -16.48 -5.84
C VAL A 109 4.23 -16.29 -4.71
N ALA A 110 4.19 -17.18 -3.73
CA ALA A 110 5.13 -17.17 -2.61
C ALA A 110 4.90 -18.42 -1.78
N PRO A 111 5.86 -18.80 -0.95
CA PRO A 111 5.66 -19.98 -0.10
C PRO A 111 4.48 -19.80 0.84
N VAL A 112 3.79 -20.90 1.13
CA VAL A 112 2.56 -20.90 1.89
C VAL A 112 2.67 -21.90 3.04
N HIS A 113 2.22 -21.47 4.22
CA HIS A 113 2.19 -22.30 5.42
C HIS A 113 0.74 -22.55 5.80
N ILE A 114 0.35 -23.82 5.91
CA ILE A 114 -1.02 -24.21 6.19
C ILE A 114 -1.06 -25.05 7.44
N CYS A 115 -2.00 -24.75 8.32
CA CYS A 115 -2.29 -25.56 9.50
C CYS A 115 -3.77 -25.89 9.51
N THR A 116 -4.09 -27.13 9.87
CA THR A 116 -5.46 -27.62 9.82
C THR A 116 -5.73 -28.47 11.04
N SER A 117 -6.95 -28.39 11.57
CA SER A 117 -7.30 -29.14 12.76
C SER A 117 -8.74 -29.60 12.69
N TRP A 118 -8.99 -30.80 13.21
CA TRP A 118 -10.31 -31.40 13.21
C TRP A 118 -10.55 -32.12 14.54
N GLU A 119 -11.77 -31.99 15.04
CA GLU A 119 -12.21 -32.63 16.27
C GLU A 119 -13.49 -33.41 16.00
N SER A 120 -13.68 -34.50 16.73
CA SER A 120 -14.78 -35.41 16.46
C SER A 120 -16.03 -35.06 17.26
N ALA A 121 -15.89 -34.79 18.56
CA ALA A 121 -17.05 -34.52 19.39
C ALA A 121 -17.80 -33.29 18.89
N SER A 122 -17.06 -32.24 18.52
CA SER A 122 -17.70 -31.03 18.04
C SER A 122 -17.90 -31.03 16.53
N GLY A 123 -16.98 -31.64 15.81
CA GLY A 123 -17.02 -31.60 14.35
C GLY A 123 -16.43 -30.35 13.74
N ILE A 124 -15.86 -29.46 14.53
CA ILE A 124 -15.34 -28.20 14.04
C ILE A 124 -14.06 -28.44 13.24
N VAL A 125 -13.89 -27.68 12.17
CA VAL A 125 -12.70 -27.72 11.33
C VAL A 125 -12.08 -26.33 11.34
N GLU A 126 -10.78 -26.28 11.63
CA GLU A 126 -10.04 -25.02 11.72
C GLU A 126 -8.95 -24.99 10.67
N PHE A 127 -8.86 -23.87 9.95
CA PHE A 127 -7.89 -23.67 8.88
C PHE A 127 -7.13 -22.38 9.15
N TRP A 128 -5.81 -22.45 9.06
CA TRP A 128 -4.94 -21.30 9.24
C TRP A 128 -4.02 -21.21 8.04
N VAL A 129 -4.05 -20.07 7.35
CA VAL A 129 -3.21 -19.81 6.19
C VAL A 129 -2.28 -18.65 6.55
N ASP A 130 -0.98 -18.94 6.62
CA ASP A 130 0.02 -17.93 6.95
C ASP A 130 -0.29 -17.26 8.29
N GLY A 131 -0.76 -18.06 9.24
CA GLY A 131 -0.99 -17.57 10.59
C GLY A 131 -2.29 -16.82 10.80
N LYS A 132 -3.07 -16.59 9.75
CA LYS A 132 -4.33 -15.87 9.85
C LYS A 132 -5.48 -16.86 9.78
N PRO A 133 -6.35 -16.95 10.77
CA PRO A 133 -7.38 -17.99 10.77
C PRO A 133 -8.52 -17.69 9.82
N ARG A 134 -9.20 -18.77 9.42
CA ARG A 134 -10.42 -18.70 8.64
C ARG A 134 -11.59 -19.12 9.51
N VAL A 135 -12.80 -18.84 9.04
CA VAL A 135 -13.99 -19.15 9.82
C VAL A 135 -14.07 -20.65 10.08
N ARG A 136 -14.62 -21.01 11.24
CA ARG A 136 -14.76 -22.40 11.60
C ARG A 136 -15.97 -23.02 10.93
N LYS A 137 -15.82 -24.26 10.47
CA LYS A 137 -16.88 -24.99 9.78
C LYS A 137 -17.02 -26.38 10.40
N SER A 138 -18.08 -27.06 10.01
CA SER A 138 -18.44 -28.35 10.58
C SER A 138 -18.29 -29.47 9.55
N LEU A 139 -17.82 -30.63 10.00
CA LEU A 139 -17.66 -31.77 9.10
C LEU A 139 -17.44 -33.08 9.86
N LYS A 140 -18.27 -34.07 9.56
CA LYS A 140 -18.08 -35.45 9.99
C LYS A 140 -17.99 -35.55 11.52
N LYS A 141 -19.10 -35.20 12.16
CA LYS A 141 -19.21 -35.38 13.60
C LYS A 141 -19.35 -36.85 13.95
N GLY A 142 -18.77 -37.24 15.08
CA GLY A 142 -18.88 -38.60 15.56
C GLY A 142 -18.27 -39.63 14.63
N TYR A 143 -17.06 -39.35 14.15
CA TYR A 143 -16.37 -40.22 13.20
C TYR A 143 -15.00 -40.57 13.75
N THR A 144 -14.51 -41.75 13.40
CA THR A 144 -13.21 -42.23 13.83
C THR A 144 -12.32 -42.42 12.60
N VAL A 145 -11.10 -41.90 12.69
CA VAL A 145 -10.12 -42.03 11.61
C VAL A 145 -9.20 -43.19 11.94
N GLY A 146 -9.00 -44.07 10.97
CA GLY A 146 -8.21 -45.26 11.21
C GLY A 146 -6.76 -44.95 11.48
N ALA A 147 -6.11 -45.90 12.16
CA ALA A 147 -4.70 -45.76 12.52
C ALA A 147 -3.78 -46.30 11.43
N GLU A 148 -3.96 -47.57 11.07
CA GLU A 148 -3.17 -48.16 10.00
C GLU A 148 -3.48 -47.43 8.71
N ALA A 149 -2.51 -46.67 8.18
CA ALA A 149 -2.76 -45.85 7.01
C ALA A 149 -1.45 -45.54 6.33
N SER A 150 -1.55 -45.12 5.06
CA SER A 150 -0.42 -44.71 4.26
C SER A 150 -0.49 -43.20 4.05
N ILE A 151 0.58 -42.51 4.41
CA ILE A 151 0.67 -41.06 4.29
C ILE A 151 1.63 -40.76 3.15
N ILE A 152 1.13 -40.12 2.11
CA ILE A 152 1.89 -39.87 0.89
C ILE A 152 1.88 -38.39 0.58
N LEU A 153 3.05 -37.88 0.20
CA LEU A 153 3.22 -36.55 -0.35
C LEU A 153 3.76 -36.68 -1.77
N GLY A 154 3.08 -36.02 -2.71
CA GLY A 154 3.46 -36.06 -4.11
C GLY A 154 2.32 -36.38 -5.06
N GLN A 155 1.42 -37.27 -4.65
CA GLN A 155 0.28 -37.65 -5.47
C GLN A 155 -0.93 -37.82 -4.56
N GLU A 156 -2.11 -38.04 -5.15
CA GLU A 156 -3.34 -38.13 -4.36
C GLU A 156 -3.80 -39.56 -4.62
N GLN A 157 -3.68 -40.41 -3.61
CA GLN A 157 -3.87 -41.84 -3.86
C GLN A 157 -5.35 -42.14 -4.03
N ASP A 158 -5.69 -42.75 -5.16
CA ASP A 158 -7.06 -43.18 -5.45
C ASP A 158 -7.35 -44.57 -4.92
N SER A 159 -6.37 -45.21 -4.29
CA SER A 159 -6.54 -46.49 -3.61
C SER A 159 -5.55 -46.49 -2.44
N PHE A 160 -5.28 -47.67 -1.89
CA PHE A 160 -4.11 -47.78 -1.04
C PHE A 160 -2.88 -47.40 -1.86
N GLY A 161 -1.73 -47.32 -1.20
CA GLY A 161 -0.57 -46.75 -1.85
C GLY A 161 -0.42 -47.26 -3.27
N GLY A 162 -0.63 -46.36 -4.23
CA GLY A 162 -0.71 -46.70 -5.64
C GLY A 162 -1.92 -46.07 -6.29
N ASN A 163 -2.08 -46.38 -7.57
CA ASN A 163 -3.13 -45.81 -8.41
C ASN A 163 -3.06 -44.28 -8.37
N PHE A 164 -1.96 -43.77 -8.90
CA PHE A 164 -1.67 -42.34 -8.85
C PHE A 164 -2.24 -41.62 -10.07
N GLU A 165 -2.61 -40.37 -9.86
CA GLU A 165 -3.22 -39.53 -10.89
C GLU A 165 -2.15 -38.61 -11.43
N GLY A 166 -1.93 -38.66 -12.75
CA GLY A 166 -0.90 -37.81 -13.34
C GLY A 166 -1.22 -36.34 -13.22
N SER A 167 -2.49 -35.98 -13.41
CA SER A 167 -2.90 -34.59 -13.41
C SER A 167 -3.04 -34.00 -12.01
N GLN A 168 -2.92 -34.81 -10.96
CA GLN A 168 -3.06 -34.34 -9.60
C GLN A 168 -1.75 -34.41 -8.82
N SER A 169 -0.62 -34.34 -9.51
CA SER A 169 0.67 -34.36 -8.85
C SER A 169 1.08 -32.95 -8.46
N LEU A 170 2.11 -32.86 -7.61
CA LEU A 170 2.63 -31.59 -7.13
C LEU A 170 4.04 -31.41 -7.65
N VAL A 171 4.28 -30.30 -8.36
CA VAL A 171 5.61 -29.93 -8.81
C VAL A 171 6.04 -28.70 -8.02
N GLY A 172 7.15 -28.82 -7.31
CA GLY A 172 7.58 -27.76 -6.43
C GLY A 172 8.25 -28.28 -5.17
N ASP A 173 8.18 -27.51 -4.09
CA ASP A 173 8.88 -27.84 -2.85
C ASP A 173 7.88 -28.03 -1.72
N ILE A 174 8.21 -28.94 -0.80
CA ILE A 174 7.36 -29.24 0.34
C ILE A 174 8.24 -29.55 1.55
N GLY A 175 7.76 -29.18 2.72
CA GLY A 175 8.52 -29.43 3.92
C GLY A 175 7.78 -29.04 5.18
N ASN A 176 8.48 -29.16 6.31
CA ASN A 176 7.96 -28.83 7.63
C ASN A 176 6.61 -29.50 7.89
N VAL A 177 6.57 -30.81 7.64
CA VAL A 177 5.35 -31.59 7.86
C VAL A 177 5.34 -32.08 9.30
N ASN A 178 4.33 -31.65 10.05
CA ASN A 178 4.16 -32.06 11.44
C ASN A 178 2.71 -32.43 11.68
N MET A 179 2.51 -33.40 12.58
CA MET A 179 1.18 -33.91 12.89
C MET A 179 1.03 -34.17 14.38
N TRP A 180 -0.14 -33.81 14.91
CA TRP A 180 -0.51 -34.06 16.29
C TRP A 180 -1.84 -34.82 16.32
N ASP A 181 -2.04 -35.56 17.40
CA ASP A 181 -3.28 -36.30 17.63
C ASP A 181 -4.25 -35.55 18.53
N PHE A 182 -4.11 -34.23 18.66
CA PHE A 182 -5.07 -33.41 19.37
C PHE A 182 -5.07 -32.02 18.77
N VAL A 183 -6.17 -31.29 19.02
CA VAL A 183 -6.33 -29.96 18.45
C VAL A 183 -5.43 -28.98 19.21
N LEU A 184 -4.97 -27.97 18.49
CA LEU A 184 -4.02 -26.99 19.02
C LEU A 184 -4.72 -25.65 19.24
N SER A 185 -4.33 -24.97 20.31
CA SER A 185 -4.86 -23.64 20.60
C SER A 185 -4.19 -22.61 19.70
N PRO A 186 -4.82 -21.44 19.52
CA PRO A 186 -4.22 -20.43 18.65
C PRO A 186 -2.82 -20.02 19.06
N ASP A 187 -2.53 -19.98 20.35
CA ASP A 187 -1.18 -19.59 20.79
C ASP A 187 -0.13 -20.54 20.26
N GLU A 188 -0.41 -21.85 20.32
CA GLU A 188 0.56 -22.82 19.81
C GLU A 188 0.74 -22.70 18.31
N ILE A 189 -0.34 -22.39 17.58
CA ILE A 189 -0.22 -22.22 16.14
C ILE A 189 0.63 -20.99 15.83
N ASN A 190 0.46 -19.92 16.59
CA ASN A 190 1.32 -18.76 16.41
C ASN A 190 2.78 -19.11 16.69
N THR A 191 3.01 -19.88 17.75
CA THR A 191 4.37 -20.32 18.05
C THR A 191 4.95 -21.12 16.88
N ILE A 192 4.16 -22.02 16.30
CA ILE A 192 4.62 -22.82 15.18
C ILE A 192 4.98 -21.90 14.01
N TYR A 193 4.11 -20.95 13.70
CA TYR A 193 4.35 -20.07 12.57
C TYR A 193 5.63 -19.26 12.76
N LEU A 194 5.85 -18.74 13.97
CA LEU A 194 7.04 -17.94 14.24
C LEU A 194 8.30 -18.78 14.36
N GLY A 195 8.18 -20.08 14.63
CA GLY A 195 9.34 -20.96 14.64
C GLY A 195 9.87 -21.28 16.01
N GLY A 196 8.98 -21.45 16.98
CA GLY A 196 9.37 -21.84 18.31
C GLY A 196 9.51 -23.34 18.44
N PRO A 197 9.70 -23.83 19.67
CA PRO A 197 9.83 -25.27 19.89
C PRO A 197 8.49 -25.96 20.12
N PHE A 198 8.43 -27.21 19.69
CA PHE A 198 7.21 -28.01 19.81
C PHE A 198 7.58 -29.47 19.73
N SER A 199 6.66 -30.33 20.18
CA SER A 199 6.89 -31.77 20.24
C SER A 199 5.70 -32.53 19.68
N PRO A 200 5.64 -32.73 18.36
CA PRO A 200 4.58 -33.57 17.79
C PRO A 200 4.71 -35.02 18.20
N ASN A 201 3.58 -35.73 18.19
CA ASN A 201 3.53 -37.10 18.66
C ASN A 201 2.97 -38.08 17.62
N VAL A 202 2.87 -37.68 16.36
CA VAL A 202 2.51 -38.60 15.30
C VAL A 202 3.56 -38.55 14.20
N LEU A 203 3.80 -37.36 13.66
CA LEU A 203 4.84 -37.14 12.65
C LEU A 203 5.72 -36.00 13.12
N ASN A 204 7.02 -36.23 13.16
CA ASN A 204 7.99 -35.26 13.65
C ASN A 204 9.00 -34.99 12.56
N TRP A 205 9.23 -33.71 12.28
CA TRP A 205 10.19 -33.31 11.25
C TRP A 205 11.63 -33.37 11.74
N ARG A 206 11.85 -33.82 12.98
CA ARG A 206 13.20 -34.03 13.50
C ARG A 206 13.55 -35.49 13.67
N ALA A 207 12.57 -36.39 13.68
CA ALA A 207 12.78 -37.82 13.85
C ALA A 207 11.93 -38.60 12.85
N LEU A 208 12.01 -38.20 11.58
CA LEU A 208 11.12 -38.72 10.55
C LEU A 208 11.58 -40.07 10.02
N LYS A 209 10.62 -40.97 9.83
CA LYS A 209 10.81 -42.17 9.02
C LYS A 209 10.17 -41.90 7.67
N TYR A 210 10.90 -42.19 6.59
CA TYR A 210 10.34 -41.98 5.27
C TYR A 210 11.00 -42.90 4.25
N GLU A 211 10.28 -43.11 3.15
CA GLU A 211 10.79 -43.84 2.00
C GLU A 211 10.51 -43.02 0.74
N VAL A 212 11.53 -42.82 -0.07
CA VAL A 212 11.43 -42.00 -1.28
C VAL A 212 11.42 -42.91 -2.49
N GLN A 213 10.49 -42.65 -3.42
CA GLN A 213 10.45 -43.42 -4.66
C GLN A 213 10.36 -42.46 -5.84
N GLY A 214 11.13 -42.74 -6.88
CA GLY A 214 11.10 -41.91 -8.07
C GLY A 214 12.16 -40.83 -8.08
N GLU A 215 11.85 -39.69 -8.70
CA GLU A 215 12.77 -38.57 -8.80
C GLU A 215 12.33 -37.51 -7.80
N VAL A 216 12.80 -37.65 -6.56
CA VAL A 216 12.53 -36.70 -5.49
C VAL A 216 13.87 -36.34 -4.85
N PHE A 217 14.11 -35.05 -4.64
CA PHE A 217 15.40 -34.60 -4.13
C PHE A 217 15.23 -33.93 -2.79
N THR A 218 16.32 -33.91 -2.01
CA THR A 218 16.34 -33.26 -0.70
C THR A 218 17.30 -32.09 -0.75
N LYS A 219 16.78 -30.88 -0.61
CA LYS A 219 17.58 -29.67 -0.80
C LYS A 219 17.24 -28.66 0.28
N PRO A 220 18.13 -27.71 0.54
CA PRO A 220 17.84 -26.68 1.55
C PRO A 220 16.58 -25.90 1.21
N GLN A 221 15.84 -25.54 2.25
CA GLN A 221 14.57 -24.85 2.08
C GLN A 221 14.77 -23.43 1.59
N LEU A 222 13.82 -22.94 0.80
CA LEU A 222 13.88 -21.58 0.29
C LEU A 222 13.27 -20.59 1.27
N TRP A 223 12.15 -20.95 1.88
CA TRP A 223 11.51 -20.06 2.83
C TRP A 223 12.37 -19.90 4.08
N PRO A 224 12.25 -18.75 4.78
CA PRO A 224 13.03 -18.55 6.00
C PRO A 224 12.60 -19.46 7.14
N GLN B 19 43.42 -7.79 -12.15
CA GLN B 19 43.68 -6.99 -10.92
C GLN B 19 43.01 -5.62 -11.01
N THR B 20 42.09 -5.48 -11.96
CA THR B 20 41.34 -4.23 -12.12
C THR B 20 40.10 -4.31 -11.24
N ASP B 21 40.11 -3.54 -10.15
CA ASP B 21 39.02 -3.57 -9.19
C ASP B 21 37.90 -2.67 -9.69
N MET B 22 36.76 -3.27 -10.02
CA MET B 22 35.63 -2.54 -10.57
C MET B 22 34.52 -2.37 -9.54
N SER B 23 34.87 -2.31 -8.26
CA SER B 23 33.88 -2.07 -7.24
C SER B 23 33.29 -0.67 -7.38
N ARG B 24 32.00 -0.56 -7.12
CA ARG B 24 31.30 0.73 -7.21
C ARG B 24 31.42 1.33 -8.60
N LYS B 25 31.34 0.48 -9.62
CA LYS B 25 31.42 0.92 -11.01
C LYS B 25 30.55 0.01 -11.86
N ALA B 26 30.18 0.51 -13.04
CA ALA B 26 29.28 -0.23 -13.92
C ALA B 26 29.57 0.16 -15.36
N PHE B 27 29.24 -0.77 -16.26
CA PHE B 27 29.37 -0.55 -17.69
C PHE B 27 28.07 0.02 -18.25
N VAL B 28 28.20 1.00 -19.13
CA VAL B 28 27.08 1.75 -19.68
C VAL B 28 27.13 1.63 -21.20
N PHE B 29 26.02 1.16 -21.78
CA PHE B 29 25.78 1.15 -23.22
C PHE B 29 24.65 2.13 -23.50
N PRO B 30 24.93 3.33 -24.02
CA PRO B 30 23.88 4.34 -24.16
C PRO B 30 23.18 4.38 -25.51
N LYS B 31 23.62 3.58 -26.48
CA LYS B 31 23.04 3.58 -27.81
C LYS B 31 22.74 2.15 -28.23
N GLU B 32 21.81 2.00 -29.17
CA GLU B 32 21.48 0.71 -29.74
C GLU B 32 22.37 0.48 -30.95
N SER B 33 23.28 -0.49 -30.85
CA SER B 33 24.22 -0.76 -31.92
C SER B 33 24.56 -2.24 -31.91
N ASP B 34 25.32 -2.66 -32.92
CA ASP B 34 25.75 -4.04 -33.05
C ASP B 34 27.28 -4.18 -33.03
N THR B 35 27.98 -3.24 -32.39
CA THR B 35 29.42 -3.27 -32.32
C THR B 35 29.94 -3.12 -30.89
N SER B 36 29.14 -2.50 -30.02
CA SER B 36 29.55 -2.27 -28.64
C SER B 36 29.34 -3.53 -27.80
N TYR B 37 30.38 -3.93 -27.07
CA TYR B 37 30.30 -5.09 -26.19
C TYR B 37 31.54 -5.16 -25.32
N VAL B 38 31.46 -6.00 -24.29
CA VAL B 38 32.61 -6.28 -23.43
C VAL B 38 32.76 -7.78 -23.29
N SER B 39 34.00 -8.24 -23.36
CA SER B 39 34.34 -9.66 -23.29
C SER B 39 35.12 -9.93 -22.01
N LEU B 40 34.69 -10.94 -21.25
CA LEU B 40 35.30 -11.30 -19.99
C LEU B 40 36.03 -12.64 -20.13
N LYS B 41 37.05 -12.83 -19.30
CA LYS B 41 37.92 -14.00 -19.40
C LYS B 41 37.94 -14.74 -18.07
N ALA B 42 37.90 -16.06 -18.14
CA ALA B 42 37.97 -16.94 -16.99
C ALA B 42 39.18 -17.84 -17.10
N PRO B 43 39.81 -18.21 -15.98
CA PRO B 43 41.07 -18.94 -16.06
C PRO B 43 40.92 -20.46 -16.09
N LEU B 44 39.82 -20.99 -15.59
CA LEU B 44 39.73 -22.42 -15.37
C LEU B 44 39.77 -23.19 -16.68
N THR B 45 40.10 -24.47 -16.57
CA THR B 45 40.07 -25.40 -17.69
C THR B 45 39.24 -26.65 -17.42
N LYS B 46 38.94 -26.95 -16.16
CA LYS B 46 38.13 -28.12 -15.84
C LYS B 46 36.69 -27.89 -16.28
N PRO B 47 36.05 -28.85 -16.94
CA PRO B 47 34.66 -28.64 -17.35
C PRO B 47 33.74 -28.47 -16.15
N LEU B 48 32.67 -27.72 -16.36
CA LEU B 48 31.76 -27.33 -15.30
C LEU B 48 30.60 -28.31 -15.20
N LYS B 49 30.29 -28.75 -13.98
CA LYS B 49 29.13 -29.59 -13.72
C LYS B 49 28.06 -28.87 -12.90
N ALA B 50 28.38 -27.72 -12.31
CA ALA B 50 27.39 -26.90 -11.64
C ALA B 50 27.93 -25.47 -11.63
N PHE B 51 27.02 -24.50 -11.71
CA PHE B 51 27.45 -23.11 -11.77
C PHE B 51 26.40 -22.19 -11.17
N THR B 52 26.86 -20.99 -10.83
CA THR B 52 26.01 -19.93 -10.30
C THR B 52 26.49 -18.59 -10.85
N VAL B 53 25.55 -17.77 -11.30
CA VAL B 53 25.84 -16.47 -11.91
C VAL B 53 24.95 -15.42 -11.27
N CYS B 54 25.55 -14.31 -10.84
CA CYS B 54 24.81 -13.21 -10.23
C CYS B 54 25.20 -11.89 -10.87
N LEU B 55 24.20 -11.04 -11.15
CA LEU B 55 24.47 -9.79 -11.84
C LEU B 55 23.40 -8.76 -11.50
N HIS B 56 23.69 -7.52 -11.84
CA HIS B 56 22.83 -6.36 -11.57
C HIS B 56 22.69 -5.61 -12.89
N PHE B 57 21.47 -5.24 -13.27
CA PHE B 57 21.30 -4.57 -14.55
C PHE B 57 20.13 -3.60 -14.48
N TYR B 58 20.14 -2.64 -15.41
CA TYR B 58 19.11 -1.60 -15.45
C TYR B 58 18.90 -1.18 -16.90
N THR B 59 17.66 -1.33 -17.37
CA THR B 59 17.31 -0.97 -18.74
C THR B 59 15.84 -0.63 -18.80
N GLU B 60 15.46 0.08 -19.87
CA GLU B 60 14.08 0.53 -20.07
C GLU B 60 13.45 -0.04 -21.32
N LEU B 61 13.94 -1.19 -21.80
CA LEU B 61 13.47 -1.80 -23.02
C LEU B 61 12.47 -2.93 -22.77
N SER B 62 12.02 -3.11 -21.53
CA SER B 62 11.17 -4.25 -21.21
C SER B 62 9.88 -4.22 -22.01
N SER B 63 9.27 -3.04 -22.12
CA SER B 63 8.00 -2.91 -22.83
C SER B 63 8.17 -2.69 -24.33
N THR B 64 9.41 -2.61 -24.82
CA THR B 64 9.66 -2.35 -26.23
C THR B 64 10.12 -3.57 -26.99
N ARG B 65 11.01 -4.38 -26.43
CA ARG B 65 11.50 -5.58 -27.11
C ARG B 65 12.28 -6.42 -26.10
N GLY B 66 12.77 -7.56 -26.58
CA GLY B 66 13.58 -8.44 -25.76
C GLY B 66 15.06 -8.16 -25.92
N TYR B 67 15.85 -8.72 -25.02
CA TYR B 67 17.28 -8.45 -25.02
C TYR B 67 18.01 -9.55 -24.28
N SER B 68 19.33 -9.41 -24.19
CA SER B 68 20.20 -10.40 -23.58
C SER B 68 20.95 -9.78 -22.41
N ILE B 69 21.18 -10.58 -21.37
CA ILE B 69 21.87 -10.08 -20.18
C ILE B 69 23.20 -10.77 -19.93
N PHE B 70 23.46 -11.94 -20.51
CA PHE B 70 24.68 -12.69 -20.24
C PHE B 70 24.83 -13.73 -21.34
N SER B 71 25.91 -13.69 -22.11
CA SER B 71 26.11 -14.65 -23.20
C SER B 71 27.36 -15.47 -22.93
N TYR B 72 27.21 -16.79 -23.01
CA TYR B 72 28.30 -17.74 -22.78
C TYR B 72 28.29 -18.72 -23.93
N ALA B 73 29.30 -18.64 -24.80
CA ALA B 73 29.32 -19.41 -26.03
C ALA B 73 30.56 -20.28 -26.10
N THR B 74 30.39 -21.46 -26.69
CA THR B 74 31.47 -22.40 -26.95
C THR B 74 31.52 -22.70 -28.44
N LYS B 75 32.58 -23.38 -28.87
CA LYS B 75 32.72 -23.69 -30.29
C LYS B 75 31.55 -24.52 -30.80
N ARG B 76 31.15 -25.54 -30.04
CA ARG B 76 30.08 -26.42 -30.50
C ARG B 76 28.73 -25.70 -30.49
N GLN B 77 28.42 -25.01 -29.39
CA GLN B 77 27.11 -24.40 -29.20
C GLN B 77 27.29 -22.90 -28.96
N ASP B 78 26.42 -22.11 -29.61
CA ASP B 78 26.49 -20.66 -29.44
C ASP B 78 25.77 -20.22 -28.17
N ASN B 79 24.62 -20.83 -27.88
CA ASN B 79 23.84 -20.49 -26.68
C ASN B 79 24.04 -21.59 -25.66
N GLU B 80 25.13 -21.49 -24.90
CA GLU B 80 25.46 -22.49 -23.90
C GLU B 80 24.88 -22.14 -22.52
N ILE B 81 25.04 -20.89 -22.09
CA ILE B 81 24.39 -20.37 -20.90
C ILE B 81 23.95 -18.95 -21.25
N LEU B 82 22.65 -18.75 -21.47
CA LEU B 82 22.17 -17.45 -21.89
C LEU B 82 20.94 -17.07 -21.08
N ILE B 83 20.96 -15.86 -20.54
CA ILE B 83 19.82 -15.26 -19.86
C ILE B 83 19.24 -14.17 -20.76
N PHE B 84 17.96 -14.27 -21.05
CA PHE B 84 17.29 -13.43 -22.02
C PHE B 84 16.02 -12.86 -21.41
N TRP B 85 15.57 -11.73 -21.94
CA TRP B 85 14.26 -11.20 -21.64
C TRP B 85 13.43 -11.23 -22.91
N SER B 86 12.29 -11.91 -22.85
CA SER B 86 11.36 -12.05 -23.97
C SER B 86 10.14 -11.19 -23.71
N LYS B 87 9.77 -10.38 -24.70
CA LYS B 87 8.72 -9.39 -24.53
C LYS B 87 7.39 -10.04 -24.18
N ASP B 88 6.72 -9.50 -23.17
CA ASP B 88 5.40 -9.93 -22.71
C ASP B 88 5.43 -11.28 -22.02
N ILE B 89 6.57 -11.96 -21.96
CA ILE B 89 6.69 -13.26 -21.31
C ILE B 89 7.52 -13.15 -20.04
N GLY B 90 8.79 -12.73 -20.16
CA GLY B 90 9.63 -12.60 -19.00
C GLY B 90 11.02 -13.17 -19.20
N TYR B 91 11.59 -13.75 -18.15
CA TYR B 91 12.96 -14.23 -18.21
C TYR B 91 13.02 -15.58 -18.91
N SER B 92 14.14 -15.83 -19.60
CA SER B 92 14.36 -17.06 -20.32
C SER B 92 15.77 -17.52 -20.02
N PHE B 93 15.89 -18.68 -19.38
CA PHE B 93 17.18 -19.26 -19.01
C PHE B 93 17.42 -20.45 -19.91
N THR B 94 18.50 -20.41 -20.70
CA THR B 94 18.79 -21.47 -21.65
C THR B 94 20.17 -22.05 -21.37
N VAL B 95 20.21 -23.37 -21.24
CA VAL B 95 21.45 -24.12 -21.05
C VAL B 95 21.53 -25.20 -22.12
N GLY B 96 22.67 -25.29 -22.78
CA GLY B 96 22.87 -26.33 -23.77
C GLY B 96 21.87 -26.33 -24.90
N GLY B 97 21.20 -25.20 -25.13
CA GLY B 97 20.20 -25.11 -26.17
C GLY B 97 18.77 -25.36 -25.73
N SER B 98 18.56 -25.80 -24.50
CA SER B 98 17.22 -26.01 -23.98
C SER B 98 16.85 -24.88 -23.03
N GLU B 99 15.61 -24.40 -23.12
CA GLU B 99 15.20 -23.15 -22.50
C GLU B 99 14.03 -23.35 -21.55
N ILE B 100 14.08 -22.65 -20.42
CA ILE B 100 12.94 -22.54 -19.50
C ILE B 100 12.53 -21.08 -19.42
N LEU B 101 11.25 -20.87 -19.12
CA LEU B 101 10.68 -19.53 -19.00
C LEU B 101 10.27 -19.28 -17.56
N PHE B 102 10.63 -18.12 -17.04
CA PHE B 102 10.14 -17.62 -15.76
C PHE B 102 9.30 -16.38 -16.06
N GLU B 103 7.98 -16.50 -15.85
CA GLU B 103 7.07 -15.45 -16.26
C GLU B 103 6.91 -14.41 -15.18
N VAL B 104 6.97 -13.14 -15.57
CA VAL B 104 6.67 -12.02 -14.70
C VAL B 104 5.52 -11.24 -15.32
N PRO B 105 4.37 -11.14 -14.66
CA PRO B 105 3.25 -10.40 -15.27
C PRO B 105 3.50 -8.91 -15.32
N GLU B 106 3.87 -8.33 -14.18
CA GLU B 106 4.07 -6.89 -14.07
C GLU B 106 5.52 -6.54 -14.33
N VAL B 107 5.74 -5.44 -15.04
CA VAL B 107 7.07 -4.95 -15.36
C VAL B 107 7.29 -3.67 -14.58
N THR B 108 8.45 -3.58 -13.92
CA THR B 108 8.80 -2.44 -13.09
C THR B 108 9.99 -1.70 -13.70
N VAL B 109 10.15 -0.45 -13.29
CA VAL B 109 11.25 0.38 -13.74
C VAL B 109 12.18 0.67 -12.56
N ALA B 110 13.21 -0.15 -12.41
CA ALA B 110 14.19 0.01 -11.34
C ALA B 110 15.30 -1.02 -11.56
N PRO B 111 16.47 -0.82 -10.95
CA PRO B 111 17.54 -1.80 -11.10
C PRO B 111 17.12 -3.17 -10.60
N VAL B 112 17.62 -4.21 -11.26
CA VAL B 112 17.23 -5.59 -10.98
C VAL B 112 18.48 -6.40 -10.69
N HIS B 113 18.43 -7.21 -9.63
CA HIS B 113 19.49 -8.12 -9.25
C HIS B 113 19.00 -9.53 -9.47
N ILE B 114 19.74 -10.31 -10.26
CA ILE B 114 19.35 -11.67 -10.60
C ILE B 114 20.48 -12.62 -10.24
N CYS B 115 20.14 -13.72 -9.59
CA CYS B 115 21.05 -14.83 -9.34
C CYS B 115 20.44 -16.10 -9.91
N THR B 116 21.28 -16.92 -10.54
CA THR B 116 20.82 -18.16 -11.15
C THR B 116 21.81 -19.26 -10.82
N SER B 117 21.30 -20.48 -10.66
CA SER B 117 22.16 -21.61 -10.35
C SER B 117 21.64 -22.85 -11.04
N TRP B 118 22.58 -23.67 -11.50
CA TRP B 118 22.26 -24.92 -12.19
C TRP B 118 23.19 -26.02 -11.70
N GLU B 119 22.62 -27.21 -11.51
CA GLU B 119 23.35 -28.40 -11.08
C GLU B 119 23.10 -29.52 -12.07
N SER B 120 24.10 -30.38 -12.25
CA SER B 120 24.06 -31.40 -13.29
C SER B 120 23.43 -32.69 -12.79
N ALA B 121 23.95 -33.26 -11.71
CA ALA B 121 23.42 -34.52 -11.21
C ALA B 121 21.94 -34.42 -10.90
N SER B 122 21.55 -33.38 -10.16
CA SER B 122 20.15 -33.18 -9.83
C SER B 122 19.36 -32.66 -11.02
N GLY B 123 19.92 -31.72 -11.77
CA GLY B 123 19.23 -31.08 -12.87
C GLY B 123 18.39 -29.89 -12.48
N ILE B 124 18.40 -29.49 -11.22
CA ILE B 124 17.55 -28.42 -10.75
C ILE B 124 18.13 -27.06 -11.16
N VAL B 125 17.25 -26.11 -11.41
CA VAL B 125 17.60 -24.73 -11.75
C VAL B 125 16.92 -23.82 -10.74
N GLU B 126 17.68 -22.89 -10.18
CA GLU B 126 17.18 -21.93 -9.21
C GLU B 126 17.36 -20.51 -9.73
N PHE B 127 16.32 -19.69 -9.54
CA PHE B 127 16.29 -18.31 -10.00
C PHE B 127 15.87 -17.42 -8.85
N TRP B 128 16.68 -16.40 -8.57
CA TRP B 128 16.40 -15.42 -7.51
C TRP B 128 16.36 -14.04 -8.16
N VAL B 129 15.23 -13.35 -7.97
CA VAL B 129 15.03 -12.00 -8.48
C VAL B 129 14.86 -11.07 -7.30
N ASP B 130 15.82 -10.18 -7.09
CA ASP B 130 15.77 -9.21 -6.00
C ASP B 130 15.62 -9.90 -4.65
N GLY B 131 16.35 -11.00 -4.48
CA GLY B 131 16.40 -11.68 -3.20
C GLY B 131 15.26 -12.60 -2.89
N LYS B 132 14.27 -12.72 -3.78
CA LYS B 132 13.13 -13.59 -3.58
C LYS B 132 13.19 -14.75 -4.55
N PRO B 133 13.13 -16.00 -4.09
CA PRO B 133 13.34 -17.12 -4.98
C PRO B 133 12.11 -17.48 -5.78
N ARG B 134 12.35 -18.08 -6.94
CA ARG B 134 11.30 -18.66 -7.77
C ARG B 134 11.29 -20.16 -7.59
N VAL B 135 10.22 -20.80 -8.08
CA VAL B 135 10.10 -22.23 -7.96
C VAL B 135 11.27 -22.91 -8.69
N ARG B 136 11.58 -24.13 -8.26
CA ARG B 136 12.68 -24.88 -8.84
C ARG B 136 12.18 -25.73 -10.02
N LYS B 137 12.95 -25.70 -11.10
CA LYS B 137 12.60 -26.40 -12.35
C LYS B 137 13.72 -27.36 -12.71
N SER B 138 13.63 -27.95 -13.90
CA SER B 138 14.58 -28.96 -14.34
C SER B 138 15.11 -28.64 -15.74
N LEU B 139 16.37 -28.99 -15.98
CA LEU B 139 17.00 -28.77 -17.27
C LEU B 139 18.29 -29.58 -17.36
N LYS B 140 18.45 -30.31 -18.46
CA LYS B 140 19.72 -30.90 -18.87
C LYS B 140 20.40 -31.64 -17.71
N LYS B 141 19.75 -32.72 -17.30
CA LYS B 141 20.37 -33.64 -16.36
C LYS B 141 21.51 -34.39 -17.05
N GLY B 142 22.61 -34.57 -16.34
CA GLY B 142 23.74 -35.31 -16.86
C GLY B 142 24.37 -34.65 -18.07
N TYR B 143 24.63 -33.35 -17.99
CA TYR B 143 25.23 -32.59 -19.07
C TYR B 143 26.45 -31.86 -18.54
N THR B 144 27.44 -31.69 -19.41
CA THR B 144 28.70 -31.04 -19.06
C THR B 144 28.84 -29.77 -19.89
N VAL B 145 29.19 -28.67 -19.23
CA VAL B 145 29.38 -27.38 -19.87
C VAL B 145 30.86 -27.19 -20.14
N GLY B 146 31.19 -26.80 -21.38
CA GLY B 146 32.58 -26.66 -21.75
C GLY B 146 33.27 -25.54 -21.02
N ALA B 147 34.59 -25.65 -20.93
CA ALA B 147 35.41 -24.67 -20.22
C ALA B 147 35.84 -23.54 -21.13
N GLU B 148 36.54 -23.87 -22.22
CA GLU B 148 36.98 -22.86 -23.18
C GLU B 148 35.75 -22.20 -23.79
N ALA B 149 35.52 -20.93 -23.47
CA ALA B 149 34.30 -20.27 -23.91
C ALA B 149 34.50 -18.77 -23.90
N SER B 150 33.64 -18.08 -24.65
CA SER B 150 33.62 -16.62 -24.72
C SER B 150 32.42 -16.12 -23.94
N ILE B 151 32.67 -15.18 -23.03
CA ILE B 151 31.64 -14.58 -22.19
C ILE B 151 31.49 -13.12 -22.60
N ILE B 152 30.29 -12.75 -23.04
CA ILE B 152 30.03 -11.43 -23.61
C ILE B 152 28.87 -10.78 -22.90
N LEU B 153 29.03 -9.48 -22.63
CA LEU B 153 27.96 -8.62 -22.15
C LEU B 153 27.72 -7.54 -23.20
N GLY B 154 26.47 -7.41 -23.64
CA GLY B 154 26.10 -6.40 -24.61
C GLY B 154 25.30 -6.92 -25.79
N GLN B 155 25.63 -8.10 -26.29
CA GLN B 155 24.93 -8.71 -27.41
C GLN B 155 24.68 -10.17 -27.07
N GLU B 156 24.09 -10.93 -28.01
CA GLU B 156 23.73 -12.32 -27.71
C GLU B 156 24.37 -13.08 -28.86
N GLN B 157 25.49 -13.75 -28.59
CA GLN B 157 26.34 -14.23 -29.68
C GLN B 157 25.71 -15.43 -30.36
N ASP B 158 25.49 -15.31 -31.67
CA ASP B 158 25.01 -16.39 -32.53
C ASP B 158 26.14 -17.26 -33.06
N SER B 159 27.39 -16.95 -32.72
CA SER B 159 28.53 -17.79 -33.06
C SER B 159 29.55 -17.63 -31.95
N PHE B 160 30.79 -18.04 -32.20
CA PHE B 160 31.86 -17.92 -31.21
C PHE B 160 32.41 -16.50 -31.28
N GLY B 161 31.85 -15.62 -30.45
CA GLY B 161 32.31 -14.25 -30.41
C GLY B 161 32.03 -13.47 -31.67
N GLY B 162 30.84 -13.60 -32.24
CA GLY B 162 30.55 -12.88 -33.47
C GLY B 162 29.11 -13.07 -33.89
N ASN B 163 28.80 -12.53 -35.06
CA ASN B 163 27.46 -12.58 -35.62
C ASN B 163 26.43 -12.02 -34.64
N PHE B 164 26.62 -10.75 -34.30
CA PHE B 164 25.75 -10.07 -33.36
C PHE B 164 24.46 -9.61 -34.05
N GLU B 165 23.44 -9.39 -33.24
CA GLU B 165 22.11 -9.03 -33.73
C GLU B 165 21.69 -7.73 -33.06
N GLY B 166 21.33 -6.73 -33.87
CA GLY B 166 20.99 -5.44 -33.31
C GLY B 166 19.76 -5.49 -32.43
N SER B 167 18.75 -6.24 -32.85
CA SER B 167 17.50 -6.29 -32.09
C SER B 167 17.71 -6.93 -30.73
N GLN B 168 18.75 -7.76 -30.57
CA GLN B 168 19.02 -8.48 -29.33
C GLN B 168 20.10 -7.81 -28.50
N SER B 169 20.27 -6.50 -28.63
CA SER B 169 21.29 -5.78 -27.90
C SER B 169 20.72 -5.26 -26.59
N LEU B 170 21.57 -4.67 -25.77
CA LEU B 170 21.18 -4.13 -24.46
C LEU B 170 21.57 -2.67 -24.39
N VAL B 171 20.62 -1.83 -23.98
CA VAL B 171 20.84 -0.40 -23.80
C VAL B 171 20.58 -0.09 -22.34
N GLY B 172 21.63 0.24 -21.61
CA GLY B 172 21.49 0.51 -20.19
C GLY B 172 22.79 0.20 -19.45
N ASP B 173 22.65 -0.15 -18.17
CA ASP B 173 23.78 -0.34 -17.28
C ASP B 173 23.84 -1.78 -16.81
N ILE B 174 25.06 -2.28 -16.65
CA ILE B 174 25.31 -3.65 -16.19
C ILE B 174 26.47 -3.63 -15.20
N GLY B 175 26.38 -4.46 -14.16
CA GLY B 175 27.42 -4.48 -13.16
C GLY B 175 27.28 -5.65 -12.20
N ASN B 176 28.22 -5.70 -11.25
CA ASN B 176 28.26 -6.71 -10.19
C ASN B 176 28.09 -8.11 -10.77
N VAL B 177 28.92 -8.44 -11.74
CA VAL B 177 28.87 -9.73 -12.41
C VAL B 177 29.83 -10.67 -11.70
N ASN B 178 29.30 -11.74 -11.11
CA ASN B 178 30.09 -12.75 -10.43
C ASN B 178 29.64 -14.13 -10.86
N MET B 179 30.58 -15.07 -10.90
CA MET B 179 30.32 -16.44 -11.30
C MET B 179 31.11 -17.40 -10.43
N TRP B 180 30.44 -18.43 -9.93
CA TRP B 180 31.05 -19.51 -9.17
C TRP B 180 31.02 -20.78 -9.99
N ASP B 181 31.63 -21.84 -9.45
CA ASP B 181 31.60 -23.16 -10.06
C ASP B 181 30.86 -24.19 -9.21
N PHE B 182 30.04 -23.72 -8.26
CA PHE B 182 29.22 -24.61 -7.45
C PHE B 182 27.95 -23.87 -7.06
N VAL B 183 26.93 -24.64 -6.69
CA VAL B 183 25.63 -24.08 -6.37
C VAL B 183 25.67 -23.46 -4.98
N LEU B 184 25.12 -22.26 -4.87
CA LEU B 184 25.14 -21.50 -3.61
C LEU B 184 23.88 -21.78 -2.81
N SER B 185 24.02 -21.80 -1.49
CA SER B 185 22.89 -21.98 -0.60
C SER B 185 22.14 -20.66 -0.44
N PRO B 186 20.88 -20.73 0.03
CA PRO B 186 20.10 -19.48 0.18
C PRO B 186 20.77 -18.46 1.08
N ASP B 187 21.45 -18.90 2.14
CA ASP B 187 22.08 -17.95 3.05
C ASP B 187 23.14 -17.13 2.32
N GLU B 188 23.96 -17.77 1.49
CA GLU B 188 24.99 -17.03 0.77
C GLU B 188 24.38 -16.10 -0.27
N ILE B 189 23.25 -16.51 -0.87
CA ILE B 189 22.58 -15.62 -1.81
C ILE B 189 22.07 -14.38 -1.09
N ASN B 190 21.50 -14.55 0.10
CA ASN B 190 21.07 -13.40 0.87
C ASN B 190 22.24 -12.51 1.23
N THR B 191 23.37 -13.11 1.60
CA THR B 191 24.57 -12.34 1.89
C THR B 191 25.00 -11.52 0.68
N ILE B 192 24.99 -12.13 -0.50
CA ILE B 192 25.37 -11.41 -1.71
C ILE B 192 24.42 -10.26 -1.96
N TYR B 193 23.12 -10.51 -1.83
CA TYR B 193 22.15 -9.46 -2.08
C TYR B 193 22.33 -8.28 -1.13
N LEU B 194 22.56 -8.57 0.16
CA LEU B 194 22.72 -7.50 1.13
C LEU B 194 24.04 -6.76 0.91
N GLY B 195 25.10 -7.49 0.56
CA GLY B 195 26.37 -6.86 0.25
C GLY B 195 27.52 -7.26 1.14
N GLY B 196 27.48 -8.48 1.68
CA GLY B 196 28.56 -8.98 2.49
C GLY B 196 29.74 -9.40 1.64
N PRO B 197 30.75 -10.00 2.27
CA PRO B 197 31.94 -10.43 1.52
C PRO B 197 31.82 -11.84 0.99
N PHE B 198 32.47 -12.07 -0.16
CA PHE B 198 32.47 -13.37 -0.80
C PHE B 198 33.65 -13.44 -1.76
N SER B 199 34.01 -14.66 -2.15
CA SER B 199 35.19 -14.92 -2.97
C SER B 199 34.84 -15.82 -4.15
N PRO B 200 34.31 -15.27 -5.23
CA PRO B 200 34.04 -16.08 -6.42
C PRO B 200 35.33 -16.61 -7.03
N ASN B 201 35.21 -17.77 -7.69
CA ASN B 201 36.36 -18.49 -8.21
C ASN B 201 36.31 -18.71 -9.72
N VAL B 202 35.42 -18.02 -10.43
CA VAL B 202 35.40 -18.07 -11.89
C VAL B 202 35.54 -16.66 -12.43
N LEU B 203 34.59 -15.80 -12.06
CA LEU B 203 34.61 -14.39 -12.46
C LEU B 203 34.50 -13.54 -11.20
N ASN B 204 35.47 -12.67 -10.99
CA ASN B 204 35.55 -11.83 -9.80
C ASN B 204 35.39 -10.38 -10.22
N TRP B 205 34.50 -9.67 -9.53
CA TRP B 205 34.27 -8.25 -9.81
C TRP B 205 35.34 -7.36 -9.21
N ARG B 206 36.27 -7.91 -8.42
CA ARG B 206 37.37 -7.16 -7.86
C ARG B 206 38.70 -7.42 -8.53
N ALA B 207 38.82 -8.50 -9.30
CA ALA B 207 40.03 -8.87 -10.02
C ALA B 207 39.70 -9.28 -11.44
N LEU B 208 38.94 -8.44 -12.14
CA LEU B 208 38.36 -8.80 -13.42
C LEU B 208 39.30 -8.50 -14.58
N LYS B 209 39.40 -9.46 -15.50
CA LYS B 209 40.04 -9.26 -16.79
C LYS B 209 38.95 -9.04 -17.83
N TYR B 210 39.09 -7.98 -18.64
CA TYR B 210 38.08 -7.67 -19.64
C TYR B 210 38.69 -6.93 -20.81
N GLU B 211 37.99 -7.01 -21.93
CA GLU B 211 38.31 -6.24 -23.14
C GLU B 211 37.05 -5.55 -23.62
N VAL B 212 37.14 -4.24 -23.85
CA VAL B 212 35.99 -3.43 -24.27
C VAL B 212 36.16 -3.09 -25.74
N GLN B 213 35.11 -3.34 -26.53
CA GLN B 213 35.13 -3.01 -27.94
C GLN B 213 33.90 -2.18 -28.27
N GLY B 214 34.11 -1.06 -28.95
CA GLY B 214 33.01 -0.20 -29.36
C GLY B 214 32.80 0.98 -28.45
N GLU B 215 31.55 1.40 -28.27
CA GLU B 215 31.19 2.54 -27.44
C GLU B 215 30.61 2.01 -26.13
N VAL B 216 31.49 1.72 -25.18
CA VAL B 216 31.09 1.27 -23.85
C VAL B 216 31.83 2.13 -22.83
N PHE B 217 31.11 2.56 -21.78
CA PHE B 217 31.69 3.49 -20.82
C PHE B 217 31.66 2.88 -19.42
N THR B 218 32.56 3.36 -18.56
CA THR B 218 32.66 2.90 -17.18
C THR B 218 32.36 4.06 -16.26
N LYS B 219 31.30 3.94 -15.47
CA LYS B 219 30.84 5.05 -14.66
C LYS B 219 30.30 4.55 -13.32
N PRO B 220 30.20 5.42 -12.32
CA PRO B 220 29.68 4.98 -11.01
C PRO B 220 28.28 4.41 -11.13
N GLN B 221 28.02 3.41 -10.29
CA GLN B 221 26.76 2.69 -10.34
C GLN B 221 25.62 3.53 -9.77
N LEU B 222 24.45 3.43 -10.40
CA LEU B 222 23.28 4.15 -9.93
C LEU B 222 22.70 3.53 -8.66
N TRP B 223 22.59 2.21 -8.63
CA TRP B 223 21.98 1.54 -7.49
C TRP B 223 22.89 1.62 -6.27
N PRO B 224 22.33 1.44 -5.06
CA PRO B 224 23.15 1.50 -3.85
C PRO B 224 24.07 0.30 -3.72
N GLN C 19 24.88 37.78 -2.90
CA GLN C 19 24.72 38.32 -1.52
C GLN C 19 23.27 38.18 -1.04
N THR C 20 22.35 38.03 -1.98
CA THR C 20 20.94 37.87 -1.64
C THR C 20 20.68 36.39 -1.34
N ASP C 21 20.81 36.02 -0.07
CA ASP C 21 20.53 34.64 0.32
C ASP C 21 19.04 34.36 0.18
N MET C 22 18.71 33.26 -0.50
CA MET C 22 17.33 32.92 -0.81
C MET C 22 16.91 31.60 -0.16
N SER C 23 17.59 31.19 0.91
CA SER C 23 17.24 29.95 1.58
C SER C 23 15.85 30.06 2.20
N ARG C 24 15.11 28.95 2.16
CA ARG C 24 13.75 28.90 2.71
C ARG C 24 12.85 29.93 2.04
N LYS C 25 13.04 30.12 0.75
CA LYS C 25 12.21 31.04 -0.02
C LYS C 25 12.05 30.50 -1.44
N ALA C 26 11.02 30.96 -2.12
CA ALA C 26 10.69 30.48 -3.45
C ALA C 26 9.97 31.56 -4.23
N PHE C 27 10.05 31.45 -5.56
CA PHE C 27 9.37 32.36 -6.46
C PHE C 27 8.01 31.79 -6.83
N VAL C 28 7.02 32.67 -6.85
CA VAL C 28 5.62 32.29 -7.09
C VAL C 28 5.11 33.08 -8.28
N PHE C 29 4.60 32.36 -9.27
CA PHE C 29 3.86 32.92 -10.41
C PHE C 29 2.42 32.46 -10.28
N PRO C 30 1.50 33.30 -9.80
CA PRO C 30 0.13 32.82 -9.52
C PRO C 30 -0.85 32.97 -10.66
N LYS C 31 -0.48 33.63 -11.76
CA LYS C 31 -1.37 33.86 -12.88
C LYS C 31 -0.64 33.52 -14.17
N GLU C 32 -1.41 33.16 -15.19
CA GLU C 32 -0.86 32.82 -16.50
C GLU C 32 -0.70 34.10 -17.32
N SER C 33 0.52 34.40 -17.72
CA SER C 33 0.80 35.62 -18.45
C SER C 33 2.08 35.42 -19.25
N ASP C 34 2.31 36.35 -20.19
CA ASP C 34 3.49 36.32 -21.04
C ASP C 34 4.43 37.49 -20.75
N THR C 35 4.39 38.01 -19.53
CA THR C 35 5.25 39.14 -19.14
C THR C 35 6.08 38.83 -17.90
N SER C 36 5.54 38.03 -16.98
CA SER C 36 6.22 37.74 -15.72
C SER C 36 7.34 36.73 -15.93
N TYR C 37 8.51 37.02 -15.38
CA TYR C 37 9.64 36.10 -15.46
C TYR C 37 10.73 36.56 -14.50
N VAL C 38 11.70 35.67 -14.27
CA VAL C 38 12.90 36.00 -13.50
C VAL C 38 14.12 35.61 -14.32
N SER C 39 15.11 36.50 -14.37
CA SER C 39 16.33 36.29 -15.12
C SER C 39 17.51 36.24 -14.15
N LEU C 40 18.28 35.16 -14.23
CA LEU C 40 19.42 34.93 -13.35
C LEU C 40 20.72 35.17 -14.12
N LYS C 41 21.77 35.48 -13.36
CA LYS C 41 23.07 35.84 -13.93
C LYS C 41 24.13 34.86 -13.47
N ALA C 42 25.03 34.50 -14.39
CA ALA C 42 26.15 33.64 -14.10
C ALA C 42 27.45 34.36 -14.41
N PRO C 43 28.48 34.20 -13.59
CA PRO C 43 29.70 35.01 -13.78
C PRO C 43 30.70 34.42 -14.77
N LEU C 44 30.72 33.10 -14.90
CA LEU C 44 31.77 32.46 -15.67
C LEU C 44 31.68 32.82 -17.14
N THR C 45 32.83 32.78 -17.81
CA THR C 45 32.91 33.01 -19.25
C THR C 45 33.54 31.84 -20.01
N LYS C 46 34.15 30.89 -19.31
CA LYS C 46 34.73 29.74 -19.99
C LYS C 46 33.63 28.88 -20.61
N PRO C 47 33.81 28.38 -21.83
CA PRO C 47 32.77 27.54 -22.44
C PRO C 47 32.59 26.26 -21.65
N LEU C 48 31.37 25.73 -21.69
CA LEU C 48 30.96 24.60 -20.87
C LEU C 48 31.09 23.30 -21.65
N LYS C 49 31.72 22.30 -21.03
CA LYS C 49 31.80 20.97 -21.59
C LYS C 49 31.02 19.94 -20.80
N ALA C 50 30.63 20.26 -19.57
CA ALA C 50 29.73 19.42 -18.79
C ALA C 50 28.98 20.31 -17.82
N PHE C 51 27.80 19.87 -17.40
CA PHE C 51 27.01 20.68 -16.49
C PHE C 51 26.02 19.82 -15.72
N THR C 52 25.56 20.37 -14.59
CA THR C 52 24.53 19.76 -13.77
C THR C 52 23.59 20.85 -13.26
N VAL C 53 22.30 20.59 -13.29
CA VAL C 53 21.27 21.54 -12.88
C VAL C 53 20.28 20.84 -11.96
N CYS C 54 20.00 21.44 -10.80
CA CYS C 54 19.06 20.88 -9.84
C CYS C 54 18.07 21.95 -9.41
N LEU C 55 16.80 21.57 -9.30
CA LEU C 55 15.75 22.53 -8.96
C LEU C 55 14.55 21.81 -8.36
N HIS C 56 13.68 22.60 -7.73
CA HIS C 56 12.48 22.12 -7.07
C HIS C 56 11.31 22.95 -7.58
N PHE C 57 10.22 22.31 -7.97
CA PHE C 57 9.10 23.05 -8.55
C PHE C 57 7.79 22.39 -8.17
N TYR C 58 6.72 23.17 -8.29
CA TYR C 58 5.39 22.71 -7.90
C TYR C 58 4.35 23.41 -8.77
N THR C 59 3.57 22.62 -9.50
CA THR C 59 2.55 23.16 -10.39
C THR C 59 1.45 22.12 -10.59
N GLU C 60 0.30 22.57 -11.08
CA GLU C 60 -0.87 21.74 -11.25
C GLU C 60 -1.35 21.74 -12.70
N LEU C 61 -0.45 22.00 -13.65
CA LEU C 61 -0.78 22.07 -15.06
C LEU C 61 -0.41 20.79 -15.80
N SER C 62 -0.04 19.73 -15.09
CA SER C 62 0.43 18.52 -15.75
C SER C 62 -0.66 17.91 -16.63
N SER C 63 -1.91 17.94 -16.16
CA SER C 63 -3.02 17.34 -16.87
C SER C 63 -3.72 18.31 -17.81
N THR C 64 -3.20 19.52 -17.97
CA THR C 64 -3.83 20.54 -18.81
C THR C 64 -2.99 20.91 -20.02
N ARG C 65 -1.70 21.18 -19.84
CA ARG C 65 -0.85 21.59 -20.95
C ARG C 65 0.61 21.44 -20.54
N GLY C 66 1.50 21.84 -21.43
CA GLY C 66 2.93 21.81 -21.15
C GLY C 66 3.41 23.12 -20.56
N TYR C 67 4.68 23.12 -20.17
CA TYR C 67 5.29 24.31 -19.57
C TYR C 67 6.80 24.11 -19.51
N SER C 68 7.50 25.20 -19.25
CA SER C 68 8.95 25.23 -19.19
C SER C 68 9.39 25.42 -17.74
N ILE C 69 10.39 24.64 -17.33
CA ILE C 69 10.86 24.65 -15.94
C ILE C 69 12.19 25.37 -15.86
N PHE C 70 12.98 25.32 -16.93
CA PHE C 70 14.31 25.92 -16.93
C PHE C 70 14.68 26.24 -18.37
N SER C 71 14.91 27.54 -18.65
CA SER C 71 15.25 27.99 -19.99
C SER C 71 16.62 28.63 -20.00
N TYR C 72 17.44 28.27 -20.99
CA TYR C 72 18.82 28.73 -21.10
C TYR C 72 19.09 29.00 -22.56
N ALA C 73 19.34 30.25 -22.93
CA ALA C 73 19.41 30.64 -24.32
C ALA C 73 20.70 31.39 -24.63
N THR C 74 21.14 31.26 -25.87
CA THR C 74 22.29 31.97 -26.39
C THR C 74 21.89 32.63 -27.72
N LYS C 75 22.80 33.43 -28.26
CA LYS C 75 22.49 34.15 -29.50
C LYS C 75 22.20 33.18 -30.64
N ARG C 76 22.99 32.12 -30.76
CA ARG C 76 22.84 31.21 -31.89
C ARG C 76 21.55 30.38 -31.76
N GLN C 77 21.30 29.81 -30.59
CA GLN C 77 20.19 28.91 -30.35
C GLN C 77 19.40 29.41 -29.14
N ASP C 78 18.09 29.33 -29.16
CA ASP C 78 17.25 29.83 -28.03
C ASP C 78 17.11 28.69 -27.04
N ASN C 79 17.19 27.44 -27.53
CA ASN C 79 17.04 26.24 -26.71
C ASN C 79 18.40 25.57 -26.67
N GLU C 80 19.25 26.04 -25.75
CA GLU C 80 20.57 25.45 -25.54
C GLU C 80 20.55 24.44 -24.41
N ILE C 81 19.90 24.78 -23.31
CA ILE C 81 19.61 23.83 -22.24
C ILE C 81 18.19 24.12 -21.79
N LEU C 82 17.22 23.33 -22.25
CA LEU C 82 15.84 23.58 -21.88
C LEU C 82 15.22 22.32 -21.30
N ILE C 83 14.54 22.47 -20.17
CA ILE C 83 13.78 21.39 -19.55
C ILE C 83 12.30 21.71 -19.69
N PHE C 84 11.54 20.77 -20.24
CA PHE C 84 10.16 21.00 -20.61
C PHE C 84 9.30 19.84 -20.11
N TRP C 85 8.01 20.09 -20.01
CA TRP C 85 7.03 19.04 -19.75
C TRP C 85 6.06 18.99 -20.91
N SER C 86 5.88 17.81 -21.50
CA SER C 86 5.00 17.61 -22.63
C SER C 86 3.80 16.79 -22.18
N LYS C 87 2.60 17.26 -22.51
CA LYS C 87 1.38 16.65 -22.02
C LYS C 87 1.27 15.21 -22.50
N ASP C 88 0.93 14.31 -21.57
CA ASP C 88 0.72 12.90 -21.82
C ASP C 88 2.01 12.16 -22.16
N ILE C 89 3.14 12.85 -22.25
CA ILE C 89 4.42 12.23 -22.56
C ILE C 89 5.34 12.24 -21.35
N GLY C 90 5.69 13.43 -20.86
CA GLY C 90 6.57 13.52 -19.71
C GLY C 90 7.66 14.55 -19.86
N TYR C 91 8.81 14.30 -19.26
CA TYR C 91 9.89 15.29 -19.26
C TYR C 91 10.62 15.27 -20.59
N SER C 92 11.03 16.45 -21.04
CA SER C 92 11.76 16.61 -22.28
C SER C 92 13.01 17.42 -22.00
N PHE C 93 14.17 16.82 -22.21
CA PHE C 93 15.46 17.46 -22.00
C PHE C 93 16.06 17.75 -23.36
N THR C 94 16.33 19.03 -23.63
CA THR C 94 16.85 19.41 -24.94
C THR C 94 18.15 20.19 -24.77
N VAL C 95 19.17 19.75 -25.50
CA VAL C 95 20.48 20.38 -25.51
C VAL C 95 20.89 20.62 -26.95
N GLY C 96 21.38 21.82 -27.24
CA GLY C 96 21.84 22.13 -28.57
C GLY C 96 20.78 22.00 -29.65
N GLY C 97 19.52 21.99 -29.27
CA GLY C 97 18.44 21.82 -30.22
C GLY C 97 17.97 20.39 -30.40
N SER C 98 18.66 19.41 -29.83
CA SER C 98 18.25 18.01 -29.92
C SER C 98 17.59 17.60 -28.61
N GLU C 99 16.50 16.83 -28.72
CA GLU C 99 15.63 16.54 -27.60
C GLU C 99 15.61 15.04 -27.30
N ILE C 100 15.47 14.72 -26.02
CA ILE C 100 15.23 13.36 -25.57
C ILE C 100 14.10 13.38 -24.54
N LEU C 101 13.40 12.25 -24.45
CA LEU C 101 12.20 12.13 -23.64
C LEU C 101 12.43 11.17 -22.47
N PHE C 102 11.86 11.53 -21.33
CA PHE C 102 11.77 10.65 -20.16
C PHE C 102 10.30 10.54 -19.82
N GLU C 103 9.71 9.38 -20.06
CA GLU C 103 8.27 9.21 -19.97
C GLU C 103 7.85 8.82 -18.57
N VAL C 104 6.79 9.46 -18.08
CA VAL C 104 6.17 9.10 -16.82
C VAL C 104 4.69 8.83 -17.09
N PRO C 105 4.16 7.64 -16.81
CA PRO C 105 2.75 7.39 -17.10
C PRO C 105 1.83 7.93 -16.03
N GLU C 106 2.28 7.89 -14.78
CA GLU C 106 1.48 8.34 -13.65
C GLU C 106 1.84 9.77 -13.29
N VAL C 107 0.83 10.60 -13.12
CA VAL C 107 1.00 12.01 -12.74
C VAL C 107 0.54 12.16 -11.31
N THR C 108 1.36 12.82 -10.49
CA THR C 108 1.09 13.03 -9.08
C THR C 108 1.03 14.51 -8.78
N VAL C 109 0.34 14.85 -7.68
CA VAL C 109 0.24 16.24 -7.24
C VAL C 109 1.06 16.42 -5.97
N ALA C 110 2.29 16.88 -6.13
CA ALA C 110 3.18 17.13 -5.01
C ALA C 110 4.44 17.79 -5.56
N PRO C 111 5.20 18.48 -4.70
CA PRO C 111 6.44 19.12 -5.18
C PRO C 111 7.41 18.10 -5.74
N VAL C 112 8.16 18.52 -6.76
CA VAL C 112 9.05 17.62 -7.49
C VAL C 112 10.46 18.22 -7.51
N HIS C 113 11.44 17.39 -7.21
CA HIS C 113 12.85 17.76 -7.24
C HIS C 113 13.51 17.05 -8.42
N ILE C 114 14.14 17.81 -9.30
CA ILE C 114 14.75 17.24 -10.50
C ILE C 114 16.21 17.66 -10.56
N CYS C 115 17.07 16.69 -10.87
CA CYS C 115 18.48 16.93 -11.14
C CYS C 115 18.83 16.35 -12.50
N THR C 116 19.61 17.08 -13.27
CA THR C 116 20.00 16.65 -14.60
C THR C 116 21.49 16.91 -14.80
N SER C 117 22.13 16.05 -15.57
CA SER C 117 23.56 16.17 -15.82
C SER C 117 23.88 15.78 -17.25
N TRP C 118 24.85 16.48 -17.84
CA TRP C 118 25.28 16.21 -19.20
C TRP C 118 26.80 16.32 -19.27
N GLU C 119 27.42 15.36 -19.94
CA GLU C 119 28.86 15.32 -20.17
C GLU C 119 29.13 15.21 -21.65
N SER C 120 30.15 15.92 -22.13
CA SER C 120 30.39 16.05 -23.56
C SER C 120 31.21 14.90 -24.13
N ALA C 121 32.28 14.50 -23.45
CA ALA C 121 33.14 13.45 -23.99
C ALA C 121 32.37 12.16 -24.17
N SER C 122 31.54 11.79 -23.19
CA SER C 122 30.77 10.57 -23.28
C SER C 122 29.45 10.78 -24.00
N GLY C 123 28.84 11.96 -23.83
CA GLY C 123 27.52 12.21 -24.37
C GLY C 123 26.38 11.69 -23.52
N ILE C 124 26.67 11.21 -22.32
CA ILE C 124 25.66 10.60 -21.47
C ILE C 124 24.85 11.69 -20.77
N VAL C 125 23.55 11.47 -20.66
CA VAL C 125 22.62 12.37 -19.98
C VAL C 125 22.00 11.61 -18.82
N GLU C 126 22.02 12.22 -17.64
CA GLU C 126 21.51 11.61 -16.43
C GLU C 126 20.37 12.44 -15.87
N PHE C 127 19.30 11.77 -15.47
CA PHE C 127 18.09 12.40 -14.95
C PHE C 127 17.73 11.75 -13.63
N TRP C 128 17.48 12.58 -12.60
CA TRP C 128 17.08 12.11 -11.28
C TRP C 128 15.79 12.82 -10.90
N VAL C 129 14.76 12.05 -10.58
CA VAL C 129 13.48 12.56 -10.13
C VAL C 129 13.25 12.06 -8.71
N ASP C 130 13.14 12.99 -7.77
CA ASP C 130 12.90 12.65 -6.37
C ASP C 130 13.93 11.66 -5.85
N GLY C 131 15.18 11.86 -6.22
CA GLY C 131 16.27 11.07 -5.70
C GLY C 131 16.41 9.69 -6.29
N LYS C 132 15.64 9.35 -7.32
CA LYS C 132 15.69 8.05 -7.95
C LYS C 132 16.15 8.21 -9.40
N PRO C 133 17.17 7.49 -9.84
CA PRO C 133 17.74 7.75 -11.16
C PRO C 133 16.95 7.09 -12.28
N ARG C 134 17.02 7.72 -13.45
CA ARG C 134 16.49 7.15 -14.67
C ARG C 134 17.63 6.59 -15.51
N VAL C 135 17.28 5.70 -16.44
CA VAL C 135 18.28 5.09 -17.28
C VAL C 135 19.09 6.17 -17.99
N ARG C 136 20.35 5.88 -18.27
CA ARG C 136 21.23 6.83 -18.93
C ARG C 136 21.07 6.76 -20.44
N LYS C 137 21.02 7.92 -21.07
CA LYS C 137 20.82 8.04 -22.51
C LYS C 137 21.93 8.90 -23.11
N SER C 138 21.89 9.06 -24.43
CA SER C 138 22.94 9.74 -25.17
C SER C 138 22.39 10.93 -25.92
N LEU C 139 23.15 12.02 -25.94
CA LEU C 139 22.72 13.25 -26.58
C LEU C 139 23.88 14.22 -26.82
N LYS C 140 24.10 14.57 -28.08
CA LYS C 140 25.00 15.66 -28.45
C LYS C 140 26.42 15.43 -27.93
N LYS C 141 27.04 14.38 -28.44
CA LYS C 141 28.43 14.11 -28.12
C LYS C 141 29.34 15.11 -28.83
N GLY C 142 30.42 15.50 -28.17
CA GLY C 142 31.40 16.39 -28.76
C GLY C 142 30.85 17.76 -29.08
N TYR C 143 30.14 18.37 -28.14
CA TYR C 143 29.50 19.66 -28.33
C TYR C 143 29.93 20.60 -27.21
N THR C 144 29.96 21.90 -27.52
CA THR C 144 30.33 22.94 -26.57
C THR C 144 29.15 23.86 -26.36
N VAL C 145 28.90 24.23 -25.11
CA VAL C 145 27.82 25.11 -24.73
C VAL C 145 28.40 26.48 -24.41
N GLY C 146 27.82 27.52 -25.00
CA GLY C 146 28.34 28.86 -24.82
C GLY C 146 28.18 29.36 -23.41
N ALA C 147 28.98 30.38 -23.08
CA ALA C 147 28.96 30.97 -21.75
C ALA C 147 28.03 32.17 -21.66
N GLU C 148 28.20 33.14 -22.55
CA GLU C 148 27.32 34.29 -22.58
C GLU C 148 25.91 33.81 -22.91
N ALA C 149 25.01 33.87 -21.92
CA ALA C 149 23.69 33.30 -22.10
C ALA C 149 22.71 33.97 -21.15
N SER C 150 21.43 33.80 -21.45
CA SER C 150 20.35 34.29 -20.62
C SER C 150 19.62 33.10 -20.01
N ILE C 151 19.50 33.10 -18.68
CA ILE C 151 18.85 32.03 -17.94
C ILE C 151 17.55 32.58 -17.38
N ILE C 152 16.43 32.01 -17.82
CA ILE C 152 15.11 32.51 -17.51
C ILE C 152 14.27 31.40 -16.90
N LEU C 153 13.56 31.76 -15.83
CA LEU C 153 12.50 30.94 -15.27
C LEU C 153 11.17 31.65 -15.46
N GLY C 154 10.21 30.96 -16.06
CA GLY C 154 8.87 31.46 -16.28
C GLY C 154 8.31 31.24 -17.67
N GLN C 155 9.15 31.32 -18.70
CA GLN C 155 8.73 31.12 -20.08
C GLN C 155 9.81 30.31 -20.77
N GLU C 156 9.60 29.91 -22.05
CA GLU C 156 10.65 29.15 -22.73
C GLU C 156 11.05 30.10 -23.85
N GLN C 157 12.22 30.69 -23.77
CA GLN C 157 12.58 31.74 -24.71
C GLN C 157 12.48 31.20 -26.14
N ASP C 158 12.17 32.10 -27.07
CA ASP C 158 12.23 31.85 -28.51
C ASP C 158 13.18 32.81 -29.20
N SER C 159 13.88 33.62 -28.43
CA SER C 159 14.97 34.46 -28.91
C SER C 159 15.87 34.74 -27.71
N PHE C 160 16.79 35.69 -27.87
CA PHE C 160 17.68 36.04 -26.77
C PHE C 160 16.93 36.91 -25.77
N GLY C 161 16.34 36.30 -24.75
CA GLY C 161 15.60 37.04 -23.75
C GLY C 161 14.35 37.72 -24.28
N GLY C 162 13.56 37.00 -25.07
CA GLY C 162 12.35 37.60 -25.60
C GLY C 162 11.51 36.58 -26.36
N ASN C 163 10.40 37.08 -26.90
CA ASN C 163 9.46 36.28 -27.67
C ASN C 163 8.91 35.13 -26.84
N PHE C 164 8.29 35.49 -25.73
CA PHE C 164 7.68 34.51 -24.84
C PHE C 164 6.36 34.02 -25.41
N GLU C 165 5.91 32.88 -24.91
CA GLU C 165 4.71 32.22 -25.37
C GLU C 165 3.81 31.95 -24.17
N GLY C 166 2.55 32.38 -24.25
CA GLY C 166 1.67 32.20 -23.12
C GLY C 166 1.38 30.75 -22.82
N SER C 167 1.20 29.93 -23.85
CA SER C 167 0.87 28.53 -23.65
C SER C 167 2.00 27.75 -22.97
N GLN C 168 3.21 28.28 -22.99
CA GLN C 168 4.38 27.59 -22.44
C GLN C 168 4.83 28.19 -21.12
N SER C 169 4.02 29.02 -20.48
CA SER C 169 4.40 29.61 -19.21
C SER C 169 4.13 28.64 -18.06
N LEU C 170 4.67 28.98 -16.90
CA LEU C 170 4.53 28.17 -15.70
C LEU C 170 3.78 28.95 -14.63
N VAL C 171 2.76 28.33 -14.05
CA VAL C 171 2.01 28.90 -12.95
C VAL C 171 2.21 27.99 -11.73
N GLY C 172 2.88 28.51 -10.71
CA GLY C 172 3.18 27.71 -9.54
C GLY C 172 4.39 28.28 -8.80
N ASP C 173 5.13 27.38 -8.17
CA ASP C 173 6.26 27.74 -7.33
C ASP C 173 7.54 27.09 -7.85
N ILE C 174 8.65 27.82 -7.72
CA ILE C 174 9.96 27.35 -8.17
C ILE C 174 11.01 27.78 -7.16
N GLY C 175 12.03 26.94 -6.97
CA GLY C 175 13.08 27.28 -6.02
C GLY C 175 14.20 26.27 -6.05
N ASN C 176 15.17 26.50 -5.16
CA ASN C 176 16.33 25.63 -4.98
C ASN C 176 17.03 25.36 -6.30
N VAL C 177 17.29 26.43 -7.05
CA VAL C 177 17.96 26.33 -8.34
C VAL C 177 19.46 26.39 -8.11
N ASN C 178 20.17 25.36 -8.56
CA ASN C 178 21.63 25.30 -8.43
C ASN C 178 22.21 24.71 -9.71
N MET C 179 23.41 25.16 -10.06
CA MET C 179 24.07 24.74 -11.29
C MET C 179 25.57 24.58 -11.05
N TRP C 180 26.11 23.45 -11.51
CA TRP C 180 27.53 23.18 -11.49
C TRP C 180 28.04 23.02 -12.91
N ASP C 181 29.34 23.29 -13.09
CA ASP C 181 30.01 23.10 -14.37
C ASP C 181 30.70 21.75 -14.48
N PHE C 182 30.30 20.76 -13.68
CA PHE C 182 30.81 19.41 -13.82
C PHE C 182 29.76 18.43 -13.33
N VAL C 183 29.87 17.18 -13.79
CA VAL C 183 28.90 16.16 -13.44
C VAL C 183 29.08 15.75 -11.99
N LEU C 184 27.99 15.34 -11.36
CA LEU C 184 27.97 14.97 -9.95
C LEU C 184 27.81 13.46 -9.79
N SER C 185 28.43 12.92 -8.77
CA SER C 185 28.31 11.51 -8.44
C SER C 185 26.99 11.24 -7.73
N PRO C 186 26.52 9.98 -7.76
CA PRO C 186 25.25 9.68 -7.07
C PRO C 186 25.25 10.02 -5.59
N ASP C 187 26.38 9.87 -4.90
CA ASP C 187 26.45 10.22 -3.50
C ASP C 187 26.15 11.70 -3.28
N GLU C 188 26.73 12.56 -4.12
CA GLU C 188 26.48 13.99 -3.99
C GLU C 188 25.04 14.33 -4.32
N ILE C 189 24.43 13.63 -5.27
CA ILE C 189 23.02 13.86 -5.58
C ILE C 189 22.17 13.50 -4.37
N ASN C 190 22.47 12.38 -3.72
CA ASN C 190 21.73 12.02 -2.52
C ASN C 190 21.91 13.06 -1.42
N THR C 191 23.13 13.55 -1.25
CA THR C 191 23.37 14.61 -0.27
C THR C 191 22.53 15.84 -0.58
N ILE C 192 22.46 16.22 -1.85
CA ILE C 192 21.68 17.39 -2.24
C ILE C 192 20.21 17.16 -1.93
N TYR C 193 19.69 15.99 -2.27
CA TYR C 193 18.28 15.70 -2.02
C TYR C 193 17.96 15.74 -0.53
N LEU C 194 18.84 15.16 0.30
CA LEU C 194 18.59 15.13 1.73
C LEU C 194 18.68 16.52 2.34
N GLY C 195 19.59 17.36 1.83
CA GLY C 195 19.69 18.72 2.29
C GLY C 195 21.00 19.04 3.01
N GLY C 196 22.08 18.39 2.60
CA GLY C 196 23.38 18.65 3.17
C GLY C 196 24.02 19.89 2.57
N PRO C 197 25.27 20.13 2.92
CA PRO C 197 25.97 21.31 2.40
C PRO C 197 26.68 21.05 1.08
N PHE C 198 26.70 22.07 0.24
CA PHE C 198 27.37 21.99 -1.05
C PHE C 198 27.67 23.41 -1.52
N SER C 199 28.60 23.52 -2.47
CA SER C 199 29.07 24.81 -2.97
C SER C 199 29.05 24.83 -4.49
N PRO C 200 27.91 25.16 -5.09
CA PRO C 200 27.87 25.30 -6.55
C PRO C 200 28.72 26.45 -7.04
N ASN C 201 29.19 26.33 -8.28
CA ASN C 201 30.15 27.29 -8.84
C ASN C 201 29.62 27.97 -10.10
N VAL C 202 28.33 27.88 -10.39
CA VAL C 202 27.74 28.61 -11.51
C VAL C 202 26.55 29.42 -11.01
N LEU C 203 25.59 28.74 -10.39
CA LEU C 203 24.43 29.39 -9.79
C LEU C 203 24.28 28.90 -8.36
N ASN C 204 24.20 29.84 -7.41
CA ASN C 204 24.15 29.53 -5.99
C ASN C 204 22.87 30.11 -5.42
N TRP C 205 22.07 29.27 -4.77
CA TRP C 205 20.84 29.75 -4.15
C TRP C 205 21.11 30.60 -2.92
N ARG C 206 22.35 30.66 -2.45
CA ARG C 206 22.71 31.49 -1.31
C ARG C 206 23.37 32.80 -1.70
N ALA C 207 23.84 32.92 -2.94
CA ALA C 207 24.52 34.12 -3.42
C ALA C 207 24.01 34.50 -4.80
N LEU C 208 22.68 34.56 -4.94
CA LEU C 208 22.07 34.75 -6.25
C LEU C 208 22.05 36.21 -6.68
N LYS C 209 22.36 36.43 -7.95
CA LYS C 209 22.05 37.68 -8.65
C LYS C 209 20.85 37.43 -9.55
N TYR C 210 19.85 38.30 -9.49
CA TYR C 210 18.65 38.08 -10.28
C TYR C 210 17.94 39.40 -10.53
N GLU C 211 17.10 39.39 -11.57
CA GLU C 211 16.20 40.50 -11.86
C GLU C 211 14.81 39.93 -12.12
N VAL C 212 13.82 40.51 -11.45
CA VAL C 212 12.44 40.04 -11.51
C VAL C 212 11.64 41.06 -12.31
N GLN C 213 10.95 40.60 -13.36
CA GLN C 213 10.15 41.49 -14.18
C GLN C 213 8.72 40.95 -14.24
N GLY C 214 7.75 41.83 -14.00
CA GLY C 214 6.36 41.44 -14.05
C GLY C 214 5.77 41.16 -12.67
N GLU C 215 4.82 40.23 -12.60
CA GLU C 215 4.15 39.87 -11.35
C GLU C 215 4.73 38.54 -10.89
N VAL C 216 5.84 38.62 -10.16
CA VAL C 216 6.48 37.46 -9.55
C VAL C 216 6.72 37.78 -8.09
N PHE C 217 6.39 36.85 -7.20
CA PHE C 217 6.47 37.11 -5.76
C PHE C 217 7.47 36.17 -5.10
N THR C 218 7.97 36.59 -3.94
CA THR C 218 8.92 35.81 -3.16
C THR C 218 8.28 35.46 -1.82
N LYS C 219 8.08 34.17 -1.59
CA LYS C 219 7.35 33.73 -0.40
C LYS C 219 8.01 32.47 0.15
N PRO C 220 7.73 32.14 1.42
CA PRO C 220 8.33 30.94 2.01
C PRO C 220 7.96 29.68 1.24
N GLN C 221 8.89 28.74 1.19
CA GLN C 221 8.70 27.54 0.40
C GLN C 221 7.75 26.59 1.11
N LEU C 222 6.87 25.95 0.32
CA LEU C 222 5.91 25.02 0.88
C LEU C 222 6.56 23.72 1.30
N TRP C 223 7.45 23.17 0.46
CA TRP C 223 8.06 21.89 0.73
C TRP C 223 9.06 22.00 1.88
N PRO C 224 9.36 20.89 2.56
CA PRO C 224 10.36 20.88 3.64
C PRO C 224 11.73 21.38 3.19
N GLN D 19 -15.45 33.55 27.49
CA GLN D 19 -14.34 32.68 27.98
C GLN D 19 -14.80 31.24 28.19
N THR D 20 -15.61 30.75 27.26
CA THR D 20 -16.12 29.37 27.33
C THR D 20 -15.15 28.47 26.59
N ASP D 21 -14.20 27.89 27.32
CA ASP D 21 -13.22 27.00 26.71
C ASP D 21 -13.94 25.82 26.07
N MET D 22 -13.59 25.53 24.82
CA MET D 22 -14.22 24.48 24.05
C MET D 22 -13.22 23.44 23.56
N SER D 23 -12.13 23.26 24.31
CA SER D 23 -11.16 22.23 23.95
C SER D 23 -11.77 20.85 24.12
N ARG D 24 -11.48 19.97 23.18
CA ARG D 24 -11.96 18.59 23.20
C ARG D 24 -13.47 18.50 23.07
N LYS D 25 -14.12 19.52 22.50
CA LYS D 25 -15.54 19.53 22.26
C LYS D 25 -15.81 19.96 20.83
N ALA D 26 -17.00 19.62 20.33
CA ALA D 26 -17.36 19.88 18.95
C ALA D 26 -18.86 20.06 18.84
N PHE D 27 -19.27 20.81 17.81
CA PHE D 27 -20.67 21.04 17.54
C PHE D 27 -21.18 19.97 16.59
N VAL D 28 -22.36 19.43 16.89
CA VAL D 28 -22.95 18.34 16.15
C VAL D 28 -24.30 18.79 15.62
N PHE D 29 -24.50 18.64 14.31
CA PHE D 29 -25.78 18.85 13.63
C PHE D 29 -26.24 17.50 13.09
N PRO D 30 -27.16 16.81 13.76
CA PRO D 30 -27.49 15.44 13.35
C PRO D 30 -28.60 15.30 12.32
N LYS D 31 -29.23 16.40 11.91
CA LYS D 31 -30.36 16.34 11.00
C LYS D 31 -30.23 17.44 9.97
N GLU D 32 -30.88 17.24 8.82
CA GLU D 32 -30.93 18.24 7.77
C GLU D 32 -32.10 19.17 8.01
N SER D 33 -31.83 20.47 8.14
CA SER D 33 -32.87 21.43 8.44
C SER D 33 -32.39 22.82 8.03
N ASP D 34 -33.29 23.78 8.06
CA ASP D 34 -32.99 25.17 7.78
C ASP D 34 -33.27 26.06 8.99
N THR D 35 -33.02 25.57 10.20
CA THR D 35 -33.23 26.35 11.41
C THR D 35 -32.08 26.22 12.40
N SER D 36 -31.23 25.20 12.23
CA SER D 36 -30.15 24.95 13.18
C SER D 36 -28.86 25.60 12.71
N TYR D 37 -28.24 26.40 13.57
CA TYR D 37 -26.99 27.07 13.23
C TYR D 37 -26.35 27.61 14.50
N VAL D 38 -25.08 27.98 14.37
CA VAL D 38 -24.34 28.65 15.44
C VAL D 38 -23.69 29.90 14.86
N SER D 39 -23.81 31.00 15.59
CA SER D 39 -23.26 32.29 15.19
C SER D 39 -22.15 32.68 16.16
N LEU D 40 -20.98 32.97 15.60
CA LEU D 40 -19.80 33.35 16.37
C LEU D 40 -19.60 34.86 16.31
N LYS D 41 -18.93 35.40 17.31
CA LYS D 41 -18.73 36.83 17.44
C LYS D 41 -17.24 37.16 17.51
N ALA D 42 -16.85 38.25 16.85
CA ALA D 42 -15.49 38.73 16.84
C ALA D 42 -15.43 40.17 17.33
N PRO D 43 -14.38 40.56 18.05
CA PRO D 43 -14.37 41.89 18.67
C PRO D 43 -13.78 42.98 17.79
N LEU D 44 -12.92 42.60 16.84
CA LEU D 44 -12.16 43.59 16.10
C LEU D 44 -13.07 44.46 15.23
N THR D 45 -12.62 45.68 14.97
CA THR D 45 -13.31 46.59 14.08
C THR D 45 -12.43 47.12 12.96
N LYS D 46 -11.13 46.89 13.00
CA LYS D 46 -10.26 47.36 11.93
C LYS D 46 -10.48 46.50 10.67
N PRO D 47 -10.69 47.11 9.50
CA PRO D 47 -10.86 46.30 8.28
C PRO D 47 -9.76 45.28 8.11
N LEU D 48 -10.00 44.25 7.31
CA LEU D 48 -9.10 43.12 7.15
C LEU D 48 -8.39 43.20 5.80
N LYS D 49 -7.07 43.09 5.82
CA LYS D 49 -6.27 43.04 4.61
C LYS D 49 -5.68 41.65 4.35
N ALA D 50 -5.60 40.81 5.36
CA ALA D 50 -5.16 39.43 5.20
C ALA D 50 -5.76 38.61 6.33
N PHE D 51 -6.02 37.34 6.06
CA PHE D 51 -6.66 36.49 7.07
C PHE D 51 -6.25 35.03 6.88
N THR D 52 -6.44 34.26 7.95
CA THR D 52 -6.26 32.82 7.94
C THR D 52 -7.35 32.16 8.77
N VAL D 53 -7.91 31.07 8.25
CA VAL D 53 -9.00 30.35 8.91
C VAL D 53 -8.65 28.88 8.93
N CYS D 54 -8.74 28.26 10.11
CA CYS D 54 -8.45 26.84 10.26
C CYS D 54 -9.59 26.15 10.99
N LEU D 55 -9.98 24.98 10.52
CA LEU D 55 -11.12 24.28 11.10
C LEU D 55 -11.04 22.79 10.83
N HIS D 56 -11.83 22.04 11.60
CA HIS D 56 -11.92 20.59 11.52
C HIS D 56 -13.38 20.23 11.32
N PHE D 57 -13.66 19.29 10.42
CA PHE D 57 -15.04 18.91 10.19
C PHE D 57 -15.14 17.46 9.74
N TYR D 58 -16.33 16.90 9.88
CA TYR D 58 -16.59 15.51 9.52
C TYR D 58 -18.03 15.39 9.05
N THR D 59 -18.20 14.97 7.79
CA THR D 59 -19.52 14.75 7.21
C THR D 59 -19.41 13.69 6.14
N GLU D 60 -20.56 13.09 5.80
CA GLU D 60 -20.62 11.97 4.87
C GLU D 60 -21.47 12.33 3.64
N LEU D 61 -21.70 13.62 3.43
CA LEU D 61 -22.55 14.10 2.35
C LEU D 61 -21.76 14.39 1.08
N SER D 62 -20.48 14.02 1.03
CA SER D 62 -19.65 14.38 -0.12
C SER D 62 -20.20 13.77 -1.40
N SER D 63 -20.65 12.51 -1.34
CA SER D 63 -21.12 11.80 -2.51
C SER D 63 -22.59 12.04 -2.81
N THR D 64 -23.27 12.87 -2.03
CA THR D 64 -24.70 13.12 -2.20
C THR D 64 -25.00 14.53 -2.69
N ARG D 65 -24.42 15.55 -2.07
CA ARG D 65 -24.69 16.92 -2.47
C ARG D 65 -23.60 17.83 -1.92
N GLY D 66 -23.77 19.13 -2.10
CA GLY D 66 -22.85 20.11 -1.56
C GLY D 66 -23.30 20.65 -0.23
N TYR D 67 -22.42 21.40 0.41
CA TYR D 67 -22.70 21.96 1.73
C TYR D 67 -21.69 23.06 2.02
N SER D 68 -21.96 23.81 3.08
CA SER D 68 -21.14 24.93 3.49
C SER D 68 -20.39 24.60 4.77
N ILE D 69 -19.13 25.00 4.84
CA ILE D 69 -18.29 24.72 5.99
C ILE D 69 -18.01 25.97 6.82
N PHE D 70 -17.97 27.15 6.20
CA PHE D 70 -17.68 28.39 6.92
C PHE D 70 -18.32 29.53 6.15
N SER D 71 -19.26 30.25 6.79
CA SER D 71 -19.95 31.36 6.16
C SER D 71 -19.62 32.65 6.87
N TYR D 72 -19.28 33.68 6.09
CA TYR D 72 -18.88 34.99 6.61
C TYR D 72 -19.56 36.05 5.76
N ALA D 73 -20.48 36.80 6.35
CA ALA D 73 -21.35 37.69 5.59
C ALA D 73 -21.29 39.12 6.13
N THR D 74 -21.49 40.06 5.23
CA THR D 74 -21.55 41.48 5.55
C THR D 74 -22.78 42.08 4.89
N LYS D 75 -23.10 43.33 5.25
CA LYS D 75 -24.28 43.97 4.71
C LYS D 75 -24.24 44.03 3.19
N ARG D 76 -23.12 44.50 2.63
CA ARG D 76 -23.04 44.69 1.19
C ARG D 76 -23.05 43.36 0.44
N GLN D 77 -22.20 42.42 0.87
CA GLN D 77 -22.06 41.14 0.19
C GLN D 77 -22.33 40.00 1.16
N ASP D 78 -23.19 39.07 0.73
CA ASP D 78 -23.48 37.90 1.56
C ASP D 78 -22.35 36.88 1.57
N ASN D 79 -21.66 36.71 0.45
CA ASN D 79 -20.55 35.77 0.34
C ASN D 79 -19.24 36.57 0.36
N GLU D 80 -18.79 36.90 1.56
CA GLU D 80 -17.53 37.63 1.73
C GLU D 80 -16.35 36.69 1.90
N ILE D 81 -16.44 35.74 2.82
CA ILE D 81 -15.47 34.67 2.95
C ILE D 81 -16.23 33.38 3.13
N LEU D 82 -16.43 32.63 2.05
CA LEU D 82 -17.22 31.42 2.13
C LEU D 82 -16.42 30.23 1.65
N ILE D 83 -16.42 29.16 2.44
CA ILE D 83 -15.80 27.89 2.07
C ILE D 83 -16.90 26.89 1.79
N PHE D 84 -16.86 26.25 0.63
CA PHE D 84 -17.96 25.43 0.14
C PHE D 84 -17.40 24.13 -0.41
N TRP D 85 -18.28 23.14 -0.53
CA TRP D 85 -17.97 21.89 -1.22
C TRP D 85 -18.95 21.72 -2.37
N SER D 86 -18.42 21.55 -3.58
CA SER D 86 -19.23 21.37 -4.78
C SER D 86 -19.13 19.91 -5.22
N LYS D 87 -20.29 19.30 -5.46
CA LYS D 87 -20.35 17.86 -5.75
C LYS D 87 -19.59 17.54 -7.03
N ASP D 88 -18.77 16.49 -6.96
CA ASP D 88 -17.98 15.98 -8.08
C ASP D 88 -16.85 16.90 -8.47
N ILE D 89 -16.72 18.07 -7.86
CA ILE D 89 -15.66 19.03 -8.18
C ILE D 89 -14.66 19.13 -7.03
N GLY D 90 -15.12 19.58 -5.86
CA GLY D 90 -14.22 19.71 -4.73
C GLY D 90 -14.43 20.97 -3.94
N TYR D 91 -13.36 21.48 -3.33
CA TYR D 91 -13.47 22.65 -2.47
C TYR D 91 -13.60 23.92 -3.31
N SER D 92 -14.37 24.86 -2.79
CA SER D 92 -14.62 26.14 -3.44
C SER D 92 -14.37 27.24 -2.42
N PHE D 93 -13.40 28.10 -2.71
CA PHE D 93 -13.06 29.22 -1.84
C PHE D 93 -13.52 30.49 -2.54
N THR D 94 -14.39 31.26 -1.89
CA THR D 94 -14.93 32.47 -2.48
C THR D 94 -14.68 33.66 -1.56
N VAL D 95 -14.10 34.70 -2.13
CA VAL D 95 -13.83 35.95 -1.42
C VAL D 95 -14.41 37.09 -2.25
N GLY D 96 -15.12 38.00 -1.58
CA GLY D 96 -15.67 39.15 -2.24
C GLY D 96 -16.62 38.85 -3.38
N GLY D 97 -17.09 37.62 -3.49
CA GLY D 97 -17.97 37.21 -4.56
C GLY D 97 -17.29 36.44 -5.67
N SER D 98 -15.97 36.44 -5.73
CA SER D 98 -15.24 35.70 -6.76
C SER D 98 -14.73 34.38 -6.18
N GLU D 99 -14.80 33.33 -7.00
CA GLU D 99 -14.63 31.97 -6.52
C GLU D 99 -13.49 31.27 -7.26
N ILE D 100 -12.80 30.40 -6.54
CA ILE D 100 -11.78 29.53 -7.11
C ILE D 100 -12.01 28.11 -6.61
N LEU D 101 -11.57 27.15 -7.42
CA LEU D 101 -11.83 25.73 -7.19
C LEU D 101 -10.53 25.01 -6.88
N PHE D 102 -10.55 24.18 -5.85
CA PHE D 102 -9.49 23.22 -5.55
C PHE D 102 -10.09 21.84 -5.71
N GLU D 103 -9.71 21.15 -6.78
CA GLU D 103 -10.36 19.91 -7.16
C GLU D 103 -9.71 18.72 -6.45
N VAL D 104 -10.54 17.86 -5.89
CA VAL D 104 -10.12 16.59 -5.31
C VAL D 104 -10.80 15.48 -6.11
N PRO D 105 -10.05 14.56 -6.73
CA PRO D 105 -10.71 13.51 -7.53
C PRO D 105 -11.26 12.38 -6.67
N GLU D 106 -10.55 12.05 -5.59
CA GLU D 106 -10.92 10.95 -4.72
C GLU D 106 -11.55 11.49 -3.45
N VAL D 107 -12.62 10.82 -3.01
CA VAL D 107 -13.36 11.20 -1.81
C VAL D 107 -13.05 10.18 -0.73
N THR D 108 -12.67 10.68 0.44
CA THR D 108 -12.35 9.84 1.60
C THR D 108 -13.47 9.94 2.62
N VAL D 109 -13.43 9.04 3.59
CA VAL D 109 -14.38 9.04 4.69
C VAL D 109 -13.56 9.10 5.98
N ALA D 110 -13.34 10.31 6.47
CA ALA D 110 -12.61 10.53 7.71
C ALA D 110 -12.63 12.02 8.04
N PRO D 111 -12.35 12.40 9.28
CA PRO D 111 -12.31 13.84 9.61
C PRO D 111 -11.27 14.56 8.78
N VAL D 112 -11.58 15.81 8.42
CA VAL D 112 -10.73 16.61 7.57
C VAL D 112 -10.40 17.92 8.26
N HIS D 113 -9.14 18.31 8.18
CA HIS D 113 -8.64 19.56 8.74
C HIS D 113 -8.22 20.47 7.59
N ILE D 114 -8.77 21.68 7.55
CA ILE D 114 -8.51 22.62 6.46
C ILE D 114 -7.98 23.93 7.02
N CYS D 115 -6.97 24.48 6.37
CA CYS D 115 -6.43 25.80 6.69
C CYS D 115 -6.33 26.63 5.43
N THR D 116 -6.94 27.81 5.43
CA THR D 116 -6.98 28.68 4.27
C THR D 116 -6.39 30.04 4.64
N SER D 117 -5.73 30.66 3.68
CA SER D 117 -5.05 31.93 3.90
C SER D 117 -5.22 32.83 2.69
N TRP D 118 -5.43 34.13 2.94
CA TRP D 118 -5.58 35.12 1.89
C TRP D 118 -4.83 36.39 2.27
N GLU D 119 -4.18 37.01 1.28
CA GLU D 119 -3.44 38.24 1.46
C GLU D 119 -3.82 39.21 0.35
N SER D 120 -3.90 40.50 0.69
CA SER D 120 -4.44 41.49 -0.24
C SER D 120 -3.39 42.10 -1.14
N ALA D 121 -2.20 42.40 -0.61
CA ALA D 121 -1.18 43.06 -1.42
C ALA D 121 -0.80 42.21 -2.62
N SER D 122 -0.63 40.90 -2.43
CA SER D 122 -0.25 40.00 -3.50
C SER D 122 -1.43 39.28 -4.12
N GLY D 123 -2.47 38.99 -3.34
CA GLY D 123 -3.62 38.27 -3.84
C GLY D 123 -3.51 36.76 -3.80
N ILE D 124 -2.45 36.23 -3.20
CA ILE D 124 -2.23 34.80 -3.19
C ILE D 124 -3.18 34.14 -2.20
N VAL D 125 -3.72 32.99 -2.59
CA VAL D 125 -4.61 32.20 -1.74
C VAL D 125 -3.94 30.86 -1.49
N GLU D 126 -3.88 30.44 -0.23
CA GLU D 126 -3.21 29.22 0.18
C GLU D 126 -4.22 28.28 0.82
N PHE D 127 -4.13 27.01 0.47
CA PHE D 127 -5.05 25.97 0.95
C PHE D 127 -4.24 24.78 1.45
N TRP D 128 -4.52 24.33 2.67
CA TRP D 128 -3.86 23.19 3.27
C TRP D 128 -4.92 22.19 3.69
N VAL D 129 -4.83 20.97 3.17
CA VAL D 129 -5.73 19.88 3.52
C VAL D 129 -4.92 18.81 4.23
N ASP D 130 -5.25 18.56 5.49
CA ASP D 130 -4.57 17.54 6.30
C ASP D 130 -3.07 17.80 6.33
N GLY D 131 -2.69 19.07 6.45
CA GLY D 131 -1.30 19.44 6.59
C GLY D 131 -0.49 19.41 5.32
N LYS D 132 -1.11 19.14 4.17
CA LYS D 132 -0.41 19.07 2.89
C LYS D 132 -0.84 20.24 2.02
N PRO D 133 0.09 21.06 1.54
CA PRO D 133 -0.31 22.26 0.80
C PRO D 133 -0.80 21.96 -0.61
N ARG D 134 -1.59 22.90 -1.12
CA ARG D 134 -2.00 22.92 -2.50
C ARG D 134 -1.32 24.08 -3.22
N VAL D 135 -1.36 24.04 -4.54
CA VAL D 135 -0.72 25.10 -5.32
C VAL D 135 -1.32 26.44 -4.93
N ARG D 136 -0.54 27.50 -5.10
CA ARG D 136 -0.97 28.84 -4.77
C ARG D 136 -1.67 29.49 -5.97
N LYS D 137 -2.78 30.16 -5.71
CA LYS D 137 -3.60 30.78 -6.74
C LYS D 137 -3.88 32.24 -6.35
N SER D 138 -4.43 32.99 -7.31
CA SER D 138 -4.64 34.42 -7.15
C SER D 138 -6.13 34.74 -7.13
N LEU D 139 -6.49 35.71 -6.29
CA LEU D 139 -7.88 36.15 -6.17
C LEU D 139 -8.00 37.45 -5.40
N LYS D 140 -8.71 38.41 -5.98
CA LYS D 140 -9.12 39.65 -5.32
C LYS D 140 -7.91 40.39 -4.74
N LYS D 141 -7.07 40.88 -5.66
CA LYS D 141 -5.97 41.75 -5.28
C LYS D 141 -6.48 43.16 -5.00
N GLY D 142 -5.91 43.79 -3.99
CA GLY D 142 -6.30 45.16 -3.64
C GLY D 142 -7.73 45.28 -3.16
N TYR D 143 -8.17 44.39 -2.28
CA TYR D 143 -9.53 44.37 -1.79
C TYR D 143 -9.52 44.37 -0.26
N THR D 144 -10.56 44.98 0.32
CA THR D 144 -10.69 45.10 1.75
C THR D 144 -11.93 44.35 2.21
N VAL D 145 -11.80 43.60 3.30
CA VAL D 145 -12.90 42.83 3.87
C VAL D 145 -13.44 43.58 5.07
N GLY D 146 -14.76 43.74 5.13
CA GLY D 146 -15.36 44.48 6.22
C GLY D 146 -15.20 43.79 7.55
N ALA D 147 -15.26 44.60 8.61
CA ALA D 147 -15.09 44.09 9.97
C ALA D 147 -16.42 43.68 10.59
N GLU D 148 -17.41 44.57 10.55
CA GLU D 148 -18.74 44.26 11.07
C GLU D 148 -19.36 43.19 10.18
N ALA D 149 -19.46 41.97 10.72
CA ALA D 149 -19.89 40.84 9.90
C ALA D 149 -20.48 39.76 10.80
N SER D 150 -21.19 38.83 10.17
CA SER D 150 -21.78 37.69 10.85
C SER D 150 -21.08 36.41 10.38
N ILE D 151 -20.60 35.63 11.34
CA ILE D 151 -19.90 34.38 11.07
C ILE D 151 -20.82 33.25 11.51
N ILE D 152 -21.19 32.38 10.56
CA ILE D 152 -22.17 31.34 10.80
C ILE D 152 -21.59 30.00 10.38
N LEU D 153 -21.81 29.00 11.24
CA LEU D 153 -21.57 27.60 10.94
C LEU D 153 -22.90 26.87 10.96
N GLY D 154 -23.20 26.16 9.87
CA GLY D 154 -24.44 25.42 9.74
C GLY D 154 -25.14 25.64 8.43
N GLN D 155 -25.00 26.82 7.83
CA GLN D 155 -25.72 27.13 6.60
C GLN D 155 -24.93 28.18 5.84
N GLU D 156 -25.39 28.50 4.62
CA GLU D 156 -24.66 29.41 3.76
C GLU D 156 -25.57 30.62 3.58
N GLN D 157 -25.26 31.70 4.28
CA GLN D 157 -26.20 32.81 4.38
C GLN D 157 -26.27 33.57 3.06
N ASP D 158 -27.51 33.79 2.60
CA ASP D 158 -27.77 34.58 1.41
C ASP D 158 -28.15 36.00 1.75
N SER D 159 -28.19 36.36 3.03
CA SER D 159 -28.36 37.73 3.48
C SER D 159 -27.58 37.90 4.77
N PHE D 160 -27.82 38.99 5.48
CA PHE D 160 -27.13 39.25 6.73
C PHE D 160 -27.75 38.39 7.82
N GLY D 161 -27.24 37.18 7.99
CA GLY D 161 -27.72 36.28 9.00
C GLY D 161 -29.14 35.80 8.75
N GLY D 162 -29.46 35.43 7.53
CA GLY D 162 -30.80 34.95 7.22
C GLY D 162 -30.87 34.39 5.82
N ASN D 163 -32.07 33.95 5.45
CA ASN D 163 -32.34 33.37 4.14
C ASN D 163 -31.48 32.14 3.90
N PHE D 164 -31.67 31.15 4.76
CA PHE D 164 -30.92 29.91 4.68
C PHE D 164 -31.48 29.01 3.57
N GLU D 165 -30.71 27.99 3.22
CA GLU D 165 -31.09 27.02 2.20
C GLU D 165 -30.90 25.62 2.76
N GLY D 166 -31.94 24.81 2.64
CA GLY D 166 -31.84 23.45 3.15
C GLY D 166 -30.82 22.61 2.41
N SER D 167 -30.78 22.76 1.08
CA SER D 167 -29.88 21.94 0.28
C SER D 167 -28.43 22.24 0.59
N GLN D 168 -28.14 23.41 1.16
CA GLN D 168 -26.77 23.84 1.41
C GLN D 168 -26.38 23.71 2.88
N SER D 169 -27.14 22.97 3.67
CA SER D 169 -26.86 22.79 5.08
C SER D 169 -25.82 21.70 5.28
N LEU D 170 -25.30 21.61 6.51
CA LEU D 170 -24.30 20.63 6.88
C LEU D 170 -24.86 19.70 7.96
N VAL D 171 -24.69 18.40 7.76
CA VAL D 171 -25.06 17.39 8.73
C VAL D 171 -23.79 16.64 9.12
N GLY D 172 -23.38 16.77 10.38
CA GLY D 172 -22.16 16.17 10.85
C GLY D 172 -21.57 16.86 12.05
N ASP D 173 -20.25 17.00 12.09
CA ASP D 173 -19.56 17.58 13.23
C ASP D 173 -18.57 18.63 12.75
N ILE D 174 -18.39 19.67 13.58
CA ILE D 174 -17.50 20.78 13.28
C ILE D 174 -16.79 21.20 14.55
N GLY D 175 -15.55 21.69 14.41
CA GLY D 175 -14.80 22.09 15.58
C GLY D 175 -13.48 22.72 15.23
N ASN D 176 -12.74 23.08 16.28
CA ASN D 176 -11.40 23.66 16.17
C ASN D 176 -11.38 24.81 15.17
N VAL D 177 -12.30 25.75 15.34
CA VAL D 177 -12.40 26.91 14.47
C VAL D 177 -11.53 28.02 15.04
N ASN D 178 -10.53 28.45 14.26
CA ASN D 178 -9.63 29.52 14.67
C ASN D 178 -9.42 30.46 13.50
N MET D 179 -9.21 31.74 13.81
CA MET D 179 -9.03 32.77 12.81
C MET D 179 -7.95 33.75 13.24
N TRP D 180 -7.09 34.10 12.29
CA TRP D 180 -6.05 35.11 12.47
C TRP D 180 -6.22 36.20 11.43
N ASP D 181 -5.75 37.40 11.76
CA ASP D 181 -5.78 38.54 10.86
C ASP D 181 -4.46 38.74 10.11
N PHE D 182 -3.63 37.69 10.02
CA PHE D 182 -2.42 37.74 9.20
C PHE D 182 -2.15 36.35 8.66
N VAL D 183 -1.40 36.29 7.56
CA VAL D 183 -1.07 35.02 6.94
C VAL D 183 -0.05 34.28 7.80
N LEU D 184 -0.16 32.96 7.82
CA LEU D 184 0.68 32.12 8.66
C LEU D 184 1.75 31.44 7.81
N SER D 185 2.95 31.34 8.36
CA SER D 185 4.02 30.62 7.68
C SER D 185 3.76 29.12 7.74
N PRO D 186 4.35 28.35 6.82
CA PRO D 186 4.12 26.90 6.83
C PRO D 186 4.48 26.24 8.15
N ASP D 187 5.52 26.71 8.84
CA ASP D 187 5.89 26.10 10.11
C ASP D 187 4.76 26.21 11.12
N GLU D 188 4.11 27.37 11.19
CA GLU D 188 3.02 27.52 12.14
C GLU D 188 1.83 26.66 11.77
N ILE D 189 1.58 26.48 10.47
CA ILE D 189 0.51 25.58 10.05
C ILE D 189 0.80 24.16 10.49
N ASN D 190 2.04 23.72 10.30
CA ASN D 190 2.42 22.38 10.76
C ASN D 190 2.25 22.26 12.26
N THR D 191 2.62 23.31 13.01
CA THR D 191 2.43 23.29 14.45
C THR D 191 0.95 23.13 14.79
N ILE D 192 0.07 23.83 14.08
CA ILE D 192 -1.36 23.73 14.35
C ILE D 192 -1.85 22.31 14.08
N TYR D 193 -1.43 21.73 12.95
CA TYR D 193 -1.92 20.40 12.61
C TYR D 193 -1.54 19.37 13.66
N LEU D 194 -0.44 19.60 14.38
CA LEU D 194 0.04 18.67 15.39
C LEU D 194 -0.40 19.05 16.80
N GLY D 195 -1.33 19.98 16.93
CA GLY D 195 -1.87 20.33 18.24
C GLY D 195 -0.90 21.01 19.17
N GLY D 196 -0.10 21.95 18.67
CA GLY D 196 0.76 22.74 19.51
C GLY D 196 0.02 23.96 20.05
N PRO D 197 0.76 24.86 20.71
CA PRO D 197 0.15 26.08 21.24
C PRO D 197 0.17 27.24 20.26
N PHE D 198 -0.90 28.02 20.30
CA PHE D 198 -1.02 29.19 19.45
C PHE D 198 -2.02 30.15 20.06
N SER D 199 -1.98 31.40 19.60
CA SER D 199 -2.82 32.47 20.16
C SER D 199 -3.48 33.26 19.04
N PRO D 200 -4.61 32.78 18.52
CA PRO D 200 -5.35 33.55 17.52
C PRO D 200 -5.93 34.82 18.10
N ASN D 201 -6.11 35.82 17.24
CA ASN D 201 -6.51 37.16 17.67
C ASN D 201 -7.81 37.65 17.02
N VAL D 202 -8.58 36.75 16.42
CA VAL D 202 -9.89 37.10 15.89
C VAL D 202 -10.92 36.13 16.46
N LEU D 203 -10.71 34.84 16.26
CA LEU D 203 -11.56 33.80 16.81
C LEU D 203 -10.69 32.80 17.54
N ASN D 204 -11.00 32.55 18.81
CA ASN D 204 -10.22 31.66 19.66
C ASN D 204 -11.11 30.54 20.17
N TRP D 205 -10.69 29.30 19.94
CA TRP D 205 -11.46 28.15 20.39
C TRP D 205 -11.41 27.98 21.90
N ARG D 206 -10.56 28.72 22.60
CA ARG D 206 -10.49 28.69 24.05
C ARG D 206 -11.23 29.83 24.72
N ALA D 207 -11.59 30.87 23.97
CA ALA D 207 -12.30 32.03 24.50
C ALA D 207 -13.44 32.42 23.57
N LEU D 208 -14.26 31.44 23.21
CA LEU D 208 -15.29 31.63 22.20
C LEU D 208 -16.52 32.33 22.77
N LYS D 209 -17.05 33.27 22.01
CA LYS D 209 -18.38 33.84 22.20
C LYS D 209 -19.28 33.29 21.11
N TYR D 210 -20.38 32.63 21.48
CA TYR D 210 -21.23 32.02 20.48
C TYR D 210 -22.69 32.05 20.92
N GLU D 211 -23.58 31.99 19.94
CA GLU D 211 -25.01 31.85 20.16
C GLU D 211 -25.51 30.69 19.30
N VAL D 212 -26.23 29.77 19.92
CA VAL D 212 -26.71 28.56 19.27
C VAL D 212 -28.21 28.67 19.09
N GLN D 213 -28.70 28.44 17.87
CA GLN D 213 -30.13 28.49 17.60
C GLN D 213 -30.54 27.22 16.88
N GLY D 214 -31.59 26.57 17.38
CA GLY D 214 -32.10 25.37 16.76
C GLY D 214 -31.66 24.10 17.47
N GLU D 215 -31.42 23.04 16.70
CA GLU D 215 -31.00 21.75 17.23
C GLU D 215 -29.52 21.57 16.93
N VAL D 216 -28.68 22.06 17.83
CA VAL D 216 -27.24 21.89 17.75
C VAL D 216 -26.74 21.40 19.10
N PHE D 217 -25.85 20.42 19.08
CA PHE D 217 -25.39 19.79 20.32
C PHE D 217 -23.89 19.97 20.49
N THR D 218 -23.43 19.87 21.74
CA THR D 218 -22.01 20.00 22.08
C THR D 218 -21.54 18.68 22.67
N LYS D 219 -20.66 17.98 21.96
CA LYS D 219 -20.25 16.64 22.36
C LYS D 219 -18.75 16.48 22.16
N PRO D 220 -18.13 15.53 22.87
CA PRO D 220 -16.69 15.31 22.71
C PRO D 220 -16.32 14.97 21.26
N GLN D 221 -15.15 15.45 20.85
CA GLN D 221 -14.72 15.31 19.47
C GLN D 221 -14.27 13.89 19.18
N LEU D 222 -14.62 13.41 17.99
CA LEU D 222 -14.25 12.06 17.58
C LEU D 222 -12.78 11.97 17.20
N TRP D 223 -12.27 12.95 16.47
CA TRP D 223 -10.89 12.92 16.01
C TRP D 223 -9.93 13.10 17.19
N PRO D 224 -8.68 12.65 17.05
CA PRO D 224 -7.71 12.80 18.13
C PRO D 224 -7.29 14.25 18.34
N GLN E 19 -21.06 -15.62 37.48
CA GLN E 19 -19.63 -15.64 37.88
C GLN E 19 -18.82 -16.55 36.96
N THR E 20 -19.40 -16.88 35.81
CA THR E 20 -18.73 -17.71 34.82
C THR E 20 -17.87 -16.81 33.95
N ASP E 21 -16.57 -16.76 34.25
CA ASP E 21 -15.65 -15.89 33.53
C ASP E 21 -15.41 -16.46 32.13
N MET E 22 -15.72 -15.67 31.12
CA MET E 22 -15.63 -16.09 29.73
C MET E 22 -14.51 -15.38 28.98
N SER E 23 -13.42 -15.06 29.67
CA SER E 23 -12.30 -14.40 29.02
C SER E 23 -11.55 -15.38 28.13
N ARG E 24 -11.07 -14.88 26.99
CA ARG E 24 -10.33 -15.69 26.03
C ARG E 24 -11.17 -16.84 25.50
N LYS E 25 -12.49 -16.66 25.45
CA LYS E 25 -13.40 -17.69 24.96
C LYS E 25 -14.46 -17.03 24.08
N ALA E 26 -15.06 -17.85 23.23
CA ALA E 26 -16.02 -17.36 22.26
C ALA E 26 -17.03 -18.45 21.94
N PHE E 27 -18.19 -18.02 21.46
CA PHE E 27 -19.27 -18.91 21.08
C PHE E 27 -19.21 -19.17 19.58
N VAL E 28 -19.35 -20.44 19.20
CA VAL E 28 -19.23 -20.89 17.83
C VAL E 28 -20.53 -21.54 17.42
N PHE E 29 -21.11 -21.04 16.31
CA PHE E 29 -22.25 -21.63 15.63
C PHE E 29 -21.77 -22.13 14.28
N PRO E 30 -21.50 -23.42 14.11
CA PRO E 30 -20.87 -23.91 12.87
C PRO E 30 -21.83 -24.36 11.79
N LYS E 31 -23.14 -24.30 12.02
CA LYS E 31 -24.12 -24.75 11.05
C LYS E 31 -25.25 -23.74 10.98
N GLU E 32 -25.94 -23.74 9.84
CA GLU E 32 -27.09 -22.88 9.64
C GLU E 32 -28.34 -23.63 10.11
N SER E 33 -28.99 -23.11 11.16
CA SER E 33 -30.16 -23.77 11.72
C SER E 33 -31.01 -22.73 12.43
N ASP E 34 -32.26 -23.10 12.68
CA ASP E 34 -33.20 -22.27 13.43
C ASP E 34 -33.50 -22.83 14.81
N THR E 35 -32.52 -23.50 15.42
CA THR E 35 -32.69 -24.05 16.76
C THR E 35 -31.49 -23.81 17.68
N SER E 36 -30.42 -23.19 17.20
CA SER E 36 -29.23 -22.96 18.01
C SER E 36 -29.14 -21.48 18.36
N TYR E 37 -29.07 -21.19 19.66
CA TYR E 37 -28.98 -19.80 20.12
C TYR E 37 -28.45 -19.77 21.55
N VAL E 38 -28.06 -18.57 21.97
CA VAL E 38 -27.62 -18.34 23.34
C VAL E 38 -28.37 -17.12 23.88
N SER E 39 -28.94 -17.27 25.08
CA SER E 39 -29.72 -16.22 25.71
C SER E 39 -29.00 -15.71 26.95
N LEU E 40 -28.84 -14.39 27.03
CA LEU E 40 -28.13 -13.75 28.13
C LEU E 40 -29.12 -13.04 29.04
N LYS E 41 -28.73 -12.90 30.31
CA LYS E 41 -29.60 -12.35 31.34
C LYS E 41 -28.97 -11.11 31.95
N ALA E 42 -29.82 -10.13 32.26
CA ALA E 42 -29.39 -8.89 32.89
C ALA E 42 -30.21 -8.65 34.15
N PRO E 43 -29.63 -8.06 35.19
CA PRO E 43 -30.34 -7.96 36.47
C PRO E 43 -31.18 -6.70 36.64
N LEU E 44 -30.79 -5.63 35.93
CA LEU E 44 -31.39 -4.32 36.20
C LEU E 44 -32.87 -4.31 35.83
N THR E 45 -33.61 -3.41 36.47
CA THR E 45 -35.02 -3.22 36.19
C THR E 45 -35.40 -1.78 35.89
N LYS E 46 -34.56 -0.81 36.20
CA LYS E 46 -34.87 0.58 35.90
C LYS E 46 -34.85 0.80 34.39
N PRO E 47 -35.87 1.42 33.80
CA PRO E 47 -35.86 1.65 32.34
C PRO E 47 -34.57 2.30 31.86
N LEU E 48 -34.31 2.21 30.56
CA LEU E 48 -33.07 2.66 29.96
C LEU E 48 -33.32 3.93 29.17
N LYS E 49 -32.47 4.94 29.40
CA LYS E 49 -32.51 6.18 28.64
C LYS E 49 -31.24 6.39 27.81
N ALA E 50 -30.26 5.52 27.93
CA ALA E 50 -29.04 5.59 27.12
C ALA E 50 -28.29 4.29 27.31
N PHE E 51 -27.67 3.80 26.23
CA PHE E 51 -27.00 2.51 26.31
C PHE E 51 -25.82 2.46 25.36
N THR E 52 -24.92 1.50 25.62
CA THR E 52 -23.77 1.23 24.78
C THR E 52 -23.54 -0.28 24.73
N VAL E 53 -23.30 -0.80 23.53
CA VAL E 53 -23.09 -2.23 23.32
C VAL E 53 -21.82 -2.43 22.51
N CYS E 54 -20.95 -3.33 22.97
CA CYS E 54 -19.65 -3.54 22.34
C CYS E 54 -19.46 -5.04 22.14
N LEU E 55 -19.01 -5.44 20.95
CA LEU E 55 -18.93 -6.88 20.66
C LEU E 55 -17.95 -7.15 19.53
N HIS E 56 -17.56 -8.43 19.43
CA HIS E 56 -16.61 -8.92 18.44
C HIS E 56 -17.23 -10.12 17.74
N PHE E 57 -17.09 -10.19 16.42
CA PHE E 57 -17.68 -11.31 15.69
C PHE E 57 -16.89 -11.59 14.43
N TYR E 58 -17.09 -12.79 13.90
CA TYR E 58 -16.37 -13.26 12.72
C TYR E 58 -17.28 -14.19 11.92
N THR E 59 -17.49 -13.87 10.65
CA THR E 59 -18.42 -14.62 9.82
C THR E 59 -18.09 -14.38 8.35
N GLU E 60 -18.39 -15.38 7.51
CA GLU E 60 -18.08 -15.33 6.10
C GLU E 60 -19.35 -15.35 5.24
N LEU E 61 -20.42 -14.73 5.74
CA LEU E 61 -21.70 -14.69 5.05
C LEU E 61 -22.01 -13.31 4.47
N SER E 62 -21.04 -12.40 4.48
CA SER E 62 -21.32 -11.03 4.04
C SER E 62 -21.72 -10.99 2.58
N SER E 63 -21.09 -11.80 1.74
CA SER E 63 -21.36 -11.81 0.31
C SER E 63 -22.48 -12.77 -0.09
N THR E 64 -23.12 -13.42 0.87
CA THR E 64 -24.17 -14.40 0.58
C THR E 64 -25.55 -13.95 1.02
N ARG E 65 -25.68 -13.44 2.24
CA ARG E 65 -26.99 -13.03 2.75
C ARG E 65 -26.79 -12.17 3.99
N GLY E 66 -27.89 -11.84 4.66
CA GLY E 66 -27.84 -11.07 5.88
C GLY E 66 -27.89 -11.95 7.11
N TYR E 67 -27.64 -11.32 8.26
CA TYR E 67 -27.63 -12.04 9.53
C TYR E 67 -27.75 -11.03 10.66
N SER E 68 -28.10 -11.55 11.83
CA SER E 68 -28.30 -10.75 13.03
C SER E 68 -27.14 -10.96 13.99
N ILE E 69 -26.60 -9.86 14.51
CA ILE E 69 -25.46 -9.91 15.40
C ILE E 69 -25.87 -9.80 16.86
N PHE E 70 -26.80 -8.90 17.17
CA PHE E 70 -27.26 -8.67 18.53
C PHE E 70 -28.76 -8.43 18.50
N SER E 71 -29.52 -9.29 19.20
CA SER E 71 -30.97 -9.19 19.24
C SER E 71 -31.44 -8.89 20.65
N TYR E 72 -32.32 -7.91 20.78
CA TYR E 72 -32.84 -7.46 22.06
C TYR E 72 -34.34 -7.22 21.90
N ALA E 73 -35.16 -7.98 22.61
CA ALA E 73 -36.60 -7.96 22.39
C ALA E 73 -37.36 -7.79 23.69
N THR E 74 -38.52 -7.14 23.58
CA THR E 74 -39.45 -6.93 24.69
C THR E 74 -40.83 -7.44 24.28
N LYS E 75 -41.77 -7.40 25.22
CA LYS E 75 -43.11 -7.89 24.93
C LYS E 75 -43.77 -7.09 23.81
N ARG E 76 -43.64 -5.76 23.86
CA ARG E 76 -44.35 -4.91 22.92
C ARG E 76 -43.72 -4.96 21.53
N GLN E 77 -42.39 -4.87 21.45
CA GLN E 77 -41.68 -4.77 20.17
C GLN E 77 -40.65 -5.88 20.11
N ASP E 78 -40.65 -6.70 19.08
CA ASP E 78 -39.62 -7.77 18.90
C ASP E 78 -38.24 -7.16 18.62
N ASN E 79 -38.15 -5.98 17.99
CA ASN E 79 -36.90 -5.35 17.59
C ASN E 79 -36.76 -4.06 18.39
N GLU E 80 -36.29 -4.18 19.62
CA GLU E 80 -36.08 -3.02 20.46
C GLU E 80 -34.68 -2.43 20.29
N ILE E 81 -33.66 -3.29 20.33
CA ILE E 81 -32.30 -2.89 19.96
C ILE E 81 -31.72 -4.01 19.11
N LEU E 82 -31.70 -3.84 17.80
CA LEU E 82 -31.20 -4.90 16.94
C LEU E 82 -30.11 -4.36 16.03
N ILE E 83 -29.03 -5.14 15.92
CA ILE E 83 -27.94 -4.86 14.99
C ILE E 83 -27.97 -5.92 13.90
N PHE E 84 -27.98 -5.47 12.64
CA PHE E 84 -28.19 -6.34 11.50
C PHE E 84 -27.18 -6.01 10.42
N TRP E 85 -26.97 -6.96 9.51
CA TRP E 85 -26.21 -6.72 8.30
C TRP E 85 -27.10 -6.99 7.11
N SER E 86 -27.29 -5.98 6.27
CA SER E 86 -28.09 -6.11 5.06
C SER E 86 -27.19 -6.28 3.86
N LYS E 87 -27.46 -7.30 3.05
CA LYS E 87 -26.57 -7.68 1.96
C LYS E 87 -26.44 -6.55 0.96
N ASP E 88 -25.21 -6.27 0.56
CA ASP E 88 -24.84 -5.27 -0.44
C ASP E 88 -25.04 -3.85 0.07
N ILE E 89 -25.51 -3.66 1.30
CA ILE E 89 -25.72 -2.33 1.83
C ILE E 89 -24.78 -2.09 3.01
N GLY E 90 -24.94 -2.87 4.07
CA GLY E 90 -24.07 -2.71 5.22
C GLY E 90 -24.78 -2.83 6.56
N TYR E 91 -24.30 -2.11 7.57
CA TYR E 91 -24.83 -2.27 8.91
C TYR E 91 -26.16 -1.54 9.05
N SER E 92 -27.05 -2.13 9.86
CA SER E 92 -28.37 -1.57 10.12
C SER E 92 -28.60 -1.59 11.62
N PHE E 93 -28.78 -0.40 12.19
CA PHE E 93 -29.02 -0.24 13.62
C PHE E 93 -30.47 0.17 13.80
N THR E 94 -31.24 -0.61 14.55
CA THR E 94 -32.65 -0.33 14.75
C THR E 94 -32.97 -0.24 16.22
N VAL E 95 -33.67 0.84 16.60
CA VAL E 95 -34.11 1.06 17.96
C VAL E 95 -35.60 1.39 17.93
N GLY E 96 -36.36 0.75 18.82
CA GLY E 96 -37.78 1.04 18.92
C GLY E 96 -38.54 0.81 17.64
N GLY E 97 -38.01 0.03 16.71
CA GLY E 97 -38.66 -0.24 15.44
C GLY E 97 -38.23 0.66 14.31
N SER E 98 -37.47 1.71 14.58
CA SER E 98 -36.99 2.61 13.54
C SER E 98 -35.52 2.30 13.24
N GLU E 99 -35.17 2.35 11.96
CA GLU E 99 -33.91 1.82 11.47
C GLU E 99 -33.07 2.91 10.81
N ILE E 100 -31.75 2.82 10.99
CA ILE E 100 -30.79 3.66 10.29
C ILE E 100 -29.71 2.76 9.72
N LEU E 101 -29.05 3.27 8.67
CA LEU E 101 -28.11 2.49 7.89
C LEU E 101 -26.72 3.12 7.94
N PHE E 102 -25.70 2.28 8.04
CA PHE E 102 -24.30 2.68 7.90
C PHE E 102 -23.72 1.85 6.76
N GLU E 103 -23.43 2.50 5.64
CA GLU E 103 -23.04 1.79 4.43
C GLU E 103 -21.54 1.57 4.39
N VAL E 104 -21.14 0.36 4.03
CA VAL E 104 -19.75 0.01 3.77
C VAL E 104 -19.67 -0.55 2.36
N PRO E 105 -18.89 0.04 1.45
CA PRO E 105 -18.84 -0.49 0.09
C PRO E 105 -17.95 -1.72 -0.02
N GLU E 106 -16.84 -1.73 0.70
CA GLU E 106 -15.85 -2.80 0.63
C GLU E 106 -16.08 -3.78 1.77
N VAL E 107 -16.11 -5.06 1.44
CA VAL E 107 -16.29 -6.13 2.41
C VAL E 107 -14.94 -6.81 2.61
N THR E 108 -14.57 -7.01 3.88
CA THR E 108 -13.31 -7.62 4.23
C THR E 108 -13.55 -8.93 4.96
N VAL E 109 -12.55 -9.82 4.92
CA VAL E 109 -12.62 -11.10 5.60
C VAL E 109 -11.67 -11.09 6.78
N ALA E 110 -12.19 -10.76 7.96
CA ALA E 110 -11.39 -10.74 9.18
C ALA E 110 -12.31 -10.44 10.36
N PRO E 111 -11.90 -10.74 11.59
CA PRO E 111 -12.75 -10.43 12.74
C PRO E 111 -13.05 -8.95 12.83
N VAL E 112 -14.26 -8.62 13.27
CA VAL E 112 -14.74 -7.24 13.32
C VAL E 112 -15.21 -6.93 14.72
N HIS E 113 -14.80 -5.77 15.24
CA HIS E 113 -15.18 -5.27 16.55
C HIS E 113 -16.05 -4.04 16.34
N ILE E 114 -17.28 -4.09 16.86
CA ILE E 114 -18.23 -3.01 16.68
C ILE E 114 -18.72 -2.52 18.03
N CYS E 115 -18.79 -1.20 18.18
CA CYS E 115 -19.30 -0.57 19.39
C CYS E 115 -20.33 0.48 19.01
N THR E 116 -21.49 0.43 19.63
CA THR E 116 -22.60 1.33 19.30
C THR E 116 -23.13 1.97 20.57
N SER E 117 -23.63 3.20 20.44
CA SER E 117 -24.14 3.92 21.59
C SER E 117 -25.31 4.79 21.18
N TRP E 118 -26.30 4.90 22.07
CA TRP E 118 -27.50 5.68 21.83
C TRP E 118 -27.88 6.44 23.08
N GLU E 119 -28.33 7.68 22.89
CA GLU E 119 -28.77 8.56 23.96
C GLU E 119 -30.16 9.09 23.65
N SER E 120 -30.96 9.27 24.69
CA SER E 120 -32.37 9.62 24.51
C SER E 120 -32.59 11.13 24.45
N ALA E 121 -32.12 11.86 25.47
CA ALA E 121 -32.40 13.29 25.53
C ALA E 121 -31.92 14.03 24.29
N SER E 122 -30.91 13.49 23.62
CA SER E 122 -30.34 14.10 22.42
C SER E 122 -30.78 13.40 21.14
N GLY E 123 -30.69 12.06 21.12
CA GLY E 123 -31.05 11.30 19.95
C GLY E 123 -29.88 10.84 19.11
N ILE E 124 -28.66 11.24 19.44
CA ILE E 124 -27.50 10.92 18.63
C ILE E 124 -27.14 9.44 18.78
N VAL E 125 -26.74 8.83 17.67
CA VAL E 125 -26.30 7.43 17.63
C VAL E 125 -24.87 7.42 17.14
N GLU E 126 -24.00 6.73 17.87
CA GLU E 126 -22.58 6.62 17.56
C GLU E 126 -22.25 5.19 17.19
N PHE E 127 -21.47 5.03 16.12
CA PHE E 127 -21.05 3.73 15.62
C PHE E 127 -19.54 3.74 15.42
N TRP E 128 -18.86 2.74 15.98
CA TRP E 128 -17.42 2.59 15.88
C TRP E 128 -17.12 1.21 15.33
N VAL E 129 -16.41 1.15 14.21
CA VAL E 129 -15.99 -0.09 13.58
C VAL E 129 -14.47 -0.14 13.60
N ASP E 130 -13.93 -1.15 14.26
CA ASP E 130 -12.48 -1.33 14.37
C ASP E 130 -11.80 -0.09 14.94
N GLY E 131 -12.47 0.56 15.89
CA GLY E 131 -11.90 1.70 16.58
C GLY E 131 -11.99 3.01 15.84
N LYS E 132 -12.52 3.03 14.63
CA LYS E 132 -12.64 4.24 13.83
C LYS E 132 -14.09 4.69 13.79
N PRO E 133 -14.41 5.90 14.22
CA PRO E 133 -15.81 6.31 14.32
C PRO E 133 -16.43 6.60 12.97
N ARG E 134 -17.76 6.55 12.95
CA ARG E 134 -18.56 6.96 11.82
C ARG E 134 -19.35 8.21 12.18
N VAL E 135 -19.86 8.89 11.16
CA VAL E 135 -20.59 10.12 11.40
C VAL E 135 -21.75 9.86 12.35
N ARG E 136 -22.12 10.88 13.11
CA ARG E 136 -23.21 10.77 14.06
C ARG E 136 -24.55 11.02 13.37
N LYS E 137 -25.55 10.23 13.77
CA LYS E 137 -26.90 10.31 13.20
C LYS E 137 -27.92 10.37 14.33
N SER E 138 -29.17 10.61 13.95
CA SER E 138 -30.24 10.81 14.91
C SER E 138 -31.30 9.72 14.77
N LEU E 139 -31.87 9.33 15.92
CA LEU E 139 -32.90 8.30 15.93
C LEU E 139 -33.66 8.25 17.25
N LYS E 140 -34.98 8.35 17.18
CA LYS E 140 -35.88 8.07 18.30
C LYS E 140 -35.52 8.91 19.53
N LYS E 141 -35.70 10.22 19.38
CA LYS E 141 -35.54 11.13 20.50
C LYS E 141 -36.70 11.00 21.47
N GLY E 142 -36.41 11.15 22.75
CA GLY E 142 -37.43 11.11 23.78
C GLY E 142 -38.15 9.78 23.88
N TYR E 143 -37.40 8.68 23.84
CA TYR E 143 -37.94 7.34 23.88
C TYR E 143 -37.29 6.57 25.02
N THR E 144 -38.07 5.70 25.66
CA THR E 144 -37.60 4.88 26.76
C THR E 144 -37.59 3.42 26.34
N VAL E 145 -36.50 2.72 26.65
CA VAL E 145 -36.33 1.31 26.31
C VAL E 145 -36.62 0.48 27.54
N GLY E 146 -37.45 -0.54 27.38
CA GLY E 146 -37.87 -1.34 28.52
C GLY E 146 -36.72 -2.14 29.11
N ALA E 147 -36.90 -2.53 30.37
CA ALA E 147 -35.89 -3.28 31.09
C ALA E 147 -36.10 -4.78 30.98
N GLU E 148 -37.30 -5.27 31.30
CA GLU E 148 -37.62 -6.68 31.19
C GLU E 148 -37.55 -7.06 29.71
N ALA E 149 -36.52 -7.81 29.34
CA ALA E 149 -36.28 -8.10 27.93
C ALA E 149 -35.46 -9.36 27.80
N SER E 150 -35.45 -9.91 26.58
CA SER E 150 -34.66 -11.08 26.23
C SER E 150 -33.56 -10.68 25.26
N ILE E 151 -32.32 -11.03 25.59
CA ILE E 151 -31.16 -10.76 24.77
C ILE E 151 -30.67 -12.07 24.19
N ILE E 152 -30.64 -12.15 22.86
CA ILE E 152 -30.34 -13.39 22.15
C ILE E 152 -29.24 -13.13 21.12
N LEU E 153 -28.32 -14.08 21.04
CA LEU E 153 -27.33 -14.16 19.96
C LEU E 153 -27.58 -15.45 19.18
N GLY E 154 -27.69 -15.32 17.86
CA GLY E 154 -27.87 -16.45 16.97
C GLY E 154 -28.94 -16.26 15.91
N GLN E 155 -30.07 -15.66 16.28
CA GLN E 155 -31.21 -15.48 15.39
C GLN E 155 -31.77 -14.10 15.70
N GLU E 156 -32.59 -13.53 14.81
CA GLU E 156 -33.24 -12.28 15.17
C GLU E 156 -34.62 -12.69 15.64
N GLN E 157 -35.12 -12.07 16.70
CA GLN E 157 -36.38 -12.48 17.26
C GLN E 157 -37.55 -11.71 16.64
N ASP E 158 -38.63 -12.44 16.40
CA ASP E 158 -39.90 -11.93 15.92
C ASP E 158 -41.01 -12.08 16.95
N SER E 159 -40.69 -12.58 18.14
CA SER E 159 -41.58 -12.57 19.29
C SER E 159 -40.71 -12.47 20.53
N PHE E 160 -41.26 -12.78 21.69
CA PHE E 160 -40.49 -12.76 22.93
C PHE E 160 -39.77 -14.10 23.06
N GLY E 161 -38.54 -14.15 22.57
CA GLY E 161 -37.76 -15.36 22.62
C GLY E 161 -38.30 -16.49 21.76
N GLY E 162 -38.70 -16.19 20.53
CA GLY E 162 -39.24 -17.23 19.68
C GLY E 162 -39.42 -16.73 18.25
N ASN E 163 -39.94 -17.61 17.42
CA ASN E 163 -40.19 -17.32 16.01
C ASN E 163 -38.90 -16.92 15.30
N PHE E 164 -37.94 -17.84 15.31
CA PHE E 164 -36.67 -17.61 14.65
C PHE E 164 -36.80 -17.79 13.15
N GLU E 165 -35.87 -17.18 12.41
CA GLU E 165 -35.86 -17.20 10.96
C GLU E 165 -34.54 -17.79 10.51
N GLY E 166 -34.60 -18.85 9.70
CA GLY E 166 -33.37 -19.50 9.27
C GLY E 166 -32.48 -18.59 8.44
N SER E 167 -33.08 -17.82 7.54
CA SER E 167 -32.30 -16.98 6.66
C SER E 167 -31.58 -15.86 7.39
N GLN E 168 -31.99 -15.55 8.62
CA GLN E 168 -31.42 -14.46 9.40
C GLN E 168 -30.50 -14.94 10.51
N SER E 169 -30.05 -16.19 10.44
CA SER E 169 -29.20 -16.75 11.48
C SER E 169 -27.74 -16.36 11.24
N LEU E 170 -26.92 -16.60 12.26
CA LEU E 170 -25.50 -16.28 12.22
C LEU E 170 -24.70 -17.57 12.30
N VAL E 171 -23.80 -17.77 11.35
CA VAL E 171 -22.85 -18.89 11.36
C VAL E 171 -21.46 -18.30 11.48
N GLY E 172 -20.75 -18.67 12.53
CA GLY E 172 -19.43 -18.14 12.78
C GLY E 172 -19.19 -18.02 14.29
N ASP E 173 -18.38 -17.03 14.66
CA ASP E 173 -17.94 -16.86 16.03
C ASP E 173 -18.38 -15.51 16.57
N ILE E 174 -18.73 -15.48 17.85
CA ILE E 174 -19.11 -14.25 18.53
C ILE E 174 -18.47 -14.22 19.91
N GLY E 175 -18.24 -13.02 20.43
CA GLY E 175 -17.62 -12.90 21.73
C GLY E 175 -17.47 -11.46 22.16
N ASN E 176 -16.90 -11.30 23.35
CA ASN E 176 -16.62 -10.00 23.95
C ASN E 176 -17.86 -9.10 23.93
N VAL E 177 -18.97 -9.65 24.41
CA VAL E 177 -20.22 -8.91 24.48
C VAL E 177 -20.27 -8.15 25.80
N ASN E 178 -20.35 -6.83 25.72
CA ASN E 178 -20.44 -5.98 26.90
C ASN E 178 -21.50 -4.92 26.67
N MET E 179 -22.15 -4.50 27.76
CA MET E 179 -23.21 -3.51 27.69
C MET E 179 -23.14 -2.57 28.89
N TRP E 180 -23.28 -1.27 28.62
CA TRP E 180 -23.37 -0.24 29.64
C TRP E 180 -24.70 0.49 29.50
N ASP E 181 -25.17 1.05 30.61
CA ASP E 181 -26.38 1.85 30.64
C ASP E 181 -26.12 3.35 30.51
N PHE E 182 -24.95 3.73 30.00
CA PHE E 182 -24.68 5.13 29.71
C PHE E 182 -23.73 5.21 28.52
N VAL E 183 -23.72 6.36 27.87
CA VAL E 183 -22.90 6.56 26.67
C VAL E 183 -21.44 6.71 27.09
N LEU E 184 -20.55 6.14 26.29
CA LEU E 184 -19.13 6.13 26.58
C LEU E 184 -18.41 7.20 25.76
N SER E 185 -17.35 7.75 26.33
CA SER E 185 -16.54 8.73 25.64
C SER E 185 -15.55 8.05 24.70
N PRO E 186 -15.04 8.78 23.70
CA PRO E 186 -14.10 8.16 22.76
C PRO E 186 -12.87 7.56 23.41
N ASP E 187 -12.37 8.17 24.48
CA ASP E 187 -11.19 7.62 25.16
C ASP E 187 -11.48 6.22 25.69
N GLU E 188 -12.65 6.03 26.29
CA GLU E 188 -12.98 4.71 26.81
C GLU E 188 -13.21 3.71 25.69
N ILE E 189 -13.72 4.15 24.55
CA ILE E 189 -13.86 3.25 23.41
C ILE E 189 -12.48 2.78 22.95
N ASN E 190 -11.52 3.69 22.87
CA ASN E 190 -10.17 3.31 22.49
C ASN E 190 -9.59 2.35 23.51
N THR E 191 -9.81 2.61 24.80
CA THR E 191 -9.32 1.71 25.84
C THR E 191 -9.90 0.31 25.67
N ILE E 192 -11.20 0.23 25.38
CA ILE E 192 -11.83 -1.07 25.20
C ILE E 192 -11.23 -1.79 24.00
N TYR E 193 -11.06 -1.07 22.89
CA TYR E 193 -10.52 -1.69 21.69
C TYR E 193 -9.12 -2.22 21.93
N LEU E 194 -8.27 -1.44 22.59
CA LEU E 194 -6.90 -1.89 22.83
C LEU E 194 -6.85 -3.07 23.79
N GLY E 195 -7.72 -3.07 24.80
CA GLY E 195 -7.84 -4.21 25.70
C GLY E 195 -7.58 -3.90 27.15
N GLY E 196 -7.82 -2.65 27.55
CA GLY E 196 -7.64 -2.25 28.93
C GLY E 196 -8.76 -2.75 29.81
N PRO E 197 -8.78 -2.32 31.06
CA PRO E 197 -9.82 -2.77 31.99
C PRO E 197 -11.04 -1.85 32.01
N PHE E 198 -12.18 -2.46 32.31
CA PHE E 198 -13.45 -1.72 32.39
C PHE E 198 -14.43 -2.54 33.19
N SER E 199 -15.50 -1.88 33.65
CA SER E 199 -16.51 -2.49 34.51
C SER E 199 -17.91 -2.20 33.99
N PRO E 200 -18.41 -3.00 33.03
CA PRO E 200 -19.79 -2.81 32.58
C PRO E 200 -20.80 -3.16 33.68
N ASN E 201 -21.97 -2.54 33.59
CA ASN E 201 -22.98 -2.65 34.64
C ASN E 201 -24.30 -3.23 34.15
N VAL E 202 -24.34 -3.80 32.94
CA VAL E 202 -25.55 -4.48 32.46
C VAL E 202 -25.18 -5.90 32.05
N LEU E 203 -24.20 -6.03 31.16
CA LEU E 203 -23.69 -7.32 30.73
C LEU E 203 -22.18 -7.31 30.88
N ASN E 204 -21.65 -8.32 31.56
CA ASN E 204 -20.22 -8.41 31.86
C ASN E 204 -19.70 -9.74 31.35
N TRP E 205 -18.68 -9.68 30.49
CA TRP E 205 -18.10 -10.91 29.93
C TRP E 205 -17.32 -11.71 30.97
N ARG E 206 -17.09 -11.15 32.15
CA ARG E 206 -16.40 -11.85 33.23
C ARG E 206 -17.35 -12.43 34.26
N ALA E 207 -18.60 -11.99 34.29
CA ALA E 207 -19.60 -12.48 35.24
C ALA E 207 -20.91 -12.75 34.51
N LEU E 208 -20.83 -13.48 33.41
CA LEU E 208 -21.98 -13.68 32.54
C LEU E 208 -22.90 -14.78 33.06
N LYS E 209 -24.20 -14.53 32.98
CA LYS E 209 -25.23 -15.55 33.12
C LYS E 209 -25.81 -15.83 31.74
N TYR E 210 -25.86 -17.10 31.35
CA TYR E 210 -26.31 -17.45 30.02
C TYR E 210 -26.96 -18.81 30.01
N GLU E 211 -27.78 -19.04 28.99
CA GLU E 211 -28.38 -20.34 28.71
C GLU E 211 -28.18 -20.66 27.25
N VAL E 212 -27.67 -21.86 26.96
CA VAL E 212 -27.34 -22.29 25.62
C VAL E 212 -28.35 -23.34 25.18
N GLN E 213 -28.92 -23.17 23.98
CA GLN E 213 -29.85 -24.14 23.44
C GLN E 213 -29.43 -24.50 22.03
N GLY E 214 -29.38 -25.79 21.72
CA GLY E 214 -29.03 -26.24 20.39
C GLY E 214 -27.58 -26.64 20.24
N GLU E 215 -27.00 -26.37 19.08
CA GLU E 215 -25.62 -26.72 18.79
C GLU E 215 -24.78 -25.44 18.87
N VAL E 216 -24.29 -25.13 20.06
CA VAL E 216 -23.45 -23.98 20.31
C VAL E 216 -22.24 -24.45 21.10
N PHE E 217 -21.05 -24.04 20.68
CA PHE E 217 -19.82 -24.53 21.29
C PHE E 217 -19.02 -23.38 21.88
N THR E 218 -18.31 -23.66 22.97
CA THR E 218 -17.45 -22.68 23.63
C THR E 218 -16.00 -23.03 23.37
N LYS E 219 -15.30 -22.18 22.62
CA LYS E 219 -13.95 -22.50 22.18
C LYS E 219 -13.06 -21.28 22.32
N PRO E 220 -11.74 -21.48 22.38
CA PRO E 220 -10.83 -20.33 22.45
C PRO E 220 -10.99 -19.39 21.27
N GLN E 221 -10.87 -18.10 21.53
CA GLN E 221 -11.10 -17.10 20.50
C GLN E 221 -9.95 -17.07 19.51
N LEU E 222 -10.24 -16.59 18.30
CA LEU E 222 -9.26 -16.50 17.24
C LEU E 222 -8.55 -15.15 17.22
N TRP E 223 -9.32 -14.07 17.33
CA TRP E 223 -8.74 -12.74 17.35
C TRP E 223 -7.87 -12.56 18.60
N PRO E 224 -6.84 -11.72 18.53
CA PRO E 224 -5.99 -11.47 19.70
C PRO E 224 -6.79 -10.94 20.89
#